data_5TUM
#
_entry.id   5TUM
#
_cell.length_a   76.450
_cell.length_b   114.010
_cell.length_c   94.840
_cell.angle_alpha   90.00
_cell.angle_beta   90.00
_cell.angle_gamma   90.00
#
_symmetry.space_group_name_H-M   'P 21 21 2'
#
loop_
_entity.id
_entity.type
_entity.pdbx_description
1 polymer 'tetracycline destructase Tet(56)'
2 non-polymer 'FLAVIN-ADENINE DINUCLEOTIDE'
#
_entity_poly.entity_id   1
_entity_poly.type   'polypeptide(L)'
_entity_poly.pdbx_seq_one_letter_code
;MGSSHHHHHHSSGLVPRGSHMMSKNIKILVIGAGVAGPAVCYWLRRFGFSPVLIEKYASIRKGGQALDVRGIATHIAREM
GIYDQICEMRTRIERGRFVDSSGKVLHEEQGEKFGFRQDDEVEILRGDLVEILMKTIADVPCYFNQSIISIEQNADNVTV
IFMDGRIEQYDLVIAADGIHSAIRRMIFEKNEYQLIHLGAYLSTFTIPNYLGLSHIDLECEANNKLVSINSDNNPEIARA
GFMFRSQHLLNDIRDEQEQKQFLRDTFRDFGWETQNILNRMPESNDFYFDAITQVKMNSWTKGRIALVGDAGYCPSPLSG
QGNNLAFVGAYILAGELKVANGNYTRAFTRYNALLRSFVDANQKFGVWVSESFLVKDEVSKEIAEERSNKILAMIKSISN
GITLPQYESS
;
_entity_poly.pdbx_strand_id   A,B
#
loop_
_chem_comp.id
_chem_comp.type
_chem_comp.name
_chem_comp.formula
FAD non-polymer 'FLAVIN-ADENINE DINUCLEOTIDE' 'C27 H33 N9 O15 P2'
#
# COMPACT_ATOMS: atom_id res chain seq x y z
N LYS A 24 -33.00 15.07 5.66
CA LYS A 24 -33.11 14.18 4.52
C LYS A 24 -32.42 14.75 3.29
N ASN A 25 -32.48 16.08 3.15
CA ASN A 25 -31.94 16.76 1.98
C ASN A 25 -30.42 16.71 1.91
N ILE A 26 -29.76 17.05 3.02
CA ILE A 26 -28.30 17.18 3.03
C ILE A 26 -27.56 15.89 2.69
N LYS A 27 -26.51 16.02 1.90
CA LYS A 27 -25.69 14.89 1.49
C LYS A 27 -24.58 14.65 2.51
N ILE A 28 -24.54 13.44 3.07
CA ILE A 28 -23.60 13.13 4.13
C ILE A 28 -22.69 11.95 3.81
N LEU A 29 -21.47 11.98 4.32
CA LEU A 29 -20.50 10.93 4.08
C LEU A 29 -19.91 10.39 5.38
N VAL A 30 -19.99 9.07 5.56
CA VAL A 30 -19.40 8.42 6.71
C VAL A 30 -18.21 7.58 6.27
N ILE A 31 -17.07 7.77 6.94
CA ILE A 31 -15.82 7.17 6.47
C ILE A 31 -15.35 5.98 7.33
N GLY A 32 -15.40 4.79 6.74
CA GLY A 32 -14.90 3.57 7.36
C GLY A 32 -15.98 2.82 8.10
N ALA A 33 -15.90 1.50 8.11
CA ALA A 33 -16.86 0.71 8.88
C ALA A 33 -16.23 0.23 10.18
N GLY A 34 -16.59 0.89 11.26
CA GLY A 34 -16.16 0.54 12.60
C GLY A 34 -17.37 0.05 13.37
N VAL A 35 -17.33 0.27 14.67
CA VAL A 35 -18.53 0.26 15.47
C VAL A 35 -19.29 1.56 15.20
N ALA A 36 -18.66 2.68 15.54
CA ALA A 36 -19.27 3.99 15.41
C ALA A 36 -19.61 4.37 13.97
N GLY A 37 -18.80 3.92 13.02
CA GLY A 37 -19.01 4.28 11.62
C GLY A 37 -20.36 3.85 11.09
N PRO A 38 -20.65 2.54 11.15
CA PRO A 38 -21.94 1.97 10.79
C PRO A 38 -23.05 2.40 11.76
N ALA A 39 -22.69 2.59 13.02
CA ALA A 39 -23.65 2.96 14.04
C ALA A 39 -24.29 4.31 13.73
N VAL A 40 -23.48 5.30 13.37
CA VAL A 40 -23.98 6.64 13.07
C VAL A 40 -24.84 6.62 11.81
N CYS A 41 -24.49 5.75 10.87
CA CYS A 41 -25.24 5.63 9.62
C CYS A 41 -26.67 5.18 9.88
N TYR A 42 -26.82 4.15 10.71
CA TYR A 42 -28.14 3.62 11.04
C TYR A 42 -29.00 4.66 11.75
N TRP A 43 -28.41 5.37 12.70
CA TRP A 43 -29.12 6.41 13.42
C TRP A 43 -29.44 7.59 12.50
N LEU A 44 -28.56 7.84 11.54
CA LEU A 44 -28.79 8.90 10.57
C LEU A 44 -29.92 8.51 9.60
N ARG A 45 -29.88 7.28 9.12
CA ARG A 45 -30.88 6.77 8.19
C ARG A 45 -32.25 6.70 8.85
N ARG A 46 -32.28 6.26 10.11
CA ARG A 46 -33.53 6.14 10.84
C ARG A 46 -34.14 7.51 11.14
N PHE A 47 -33.30 8.54 11.20
CA PHE A 47 -33.76 9.89 11.52
C PHE A 47 -34.16 10.66 10.26
N GLY A 48 -34.14 9.99 9.12
CA GLY A 48 -34.61 10.58 7.86
C GLY A 48 -33.50 10.88 6.87
N PHE A 49 -32.25 10.86 7.34
CA PHE A 49 -31.10 11.11 6.48
C PHE A 49 -30.77 9.91 5.59
N SER A 50 -30.04 10.17 4.51
CA SER A 50 -29.62 9.11 3.58
C SER A 50 -28.12 9.21 3.32
N PRO A 51 -27.31 8.71 4.27
CA PRO A 51 -25.86 8.82 4.20
C PRO A 51 -25.20 7.72 3.36
N VAL A 52 -23.88 7.79 3.25
CA VAL A 52 -23.12 6.78 2.53
C VAL A 52 -21.91 6.39 3.35
N LEU A 53 -21.59 5.10 3.36
CA LEU A 53 -20.44 4.61 4.10
C LEU A 53 -19.37 4.11 3.15
N ILE A 54 -18.14 4.59 3.35
CA ILE A 54 -17.01 4.13 2.55
C ILE A 54 -15.98 3.43 3.42
N GLU A 55 -15.23 2.50 2.83
CA GLU A 55 -14.28 1.68 3.57
C GLU A 55 -12.97 1.51 2.80
N LYS A 56 -11.85 1.60 3.51
CA LYS A 56 -10.55 1.47 2.86
C LYS A 56 -10.24 0.04 2.46
N TYR A 57 -10.49 -0.91 3.36
CA TYR A 57 -10.21 -2.32 3.10
C TYR A 57 -11.30 -2.93 2.23
N ALA A 58 -10.93 -3.96 1.45
CA ALA A 58 -11.82 -4.58 0.47
C ALA A 58 -13.16 -5.02 1.07
N SER A 59 -13.11 -5.50 2.30
CA SER A 59 -14.32 -5.85 3.04
C SER A 59 -14.16 -5.40 4.49
N ILE A 60 -15.25 -5.38 5.23
CA ILE A 60 -15.20 -4.99 6.64
C ILE A 60 -14.21 -5.89 7.38
N ARG A 61 -13.51 -5.33 8.35
CA ARG A 61 -12.54 -6.12 9.10
C ARG A 61 -13.20 -6.71 10.33
N LYS A 62 -13.43 -8.02 10.28
CA LYS A 62 -14.12 -8.73 11.36
C LYS A 62 -13.17 -9.09 12.50
N GLY A 63 -11.90 -9.29 12.16
CA GLY A 63 -10.90 -9.68 13.14
C GLY A 63 -10.81 -8.72 14.32
N GLY A 64 -10.74 -9.28 15.52
CA GLY A 64 -10.63 -8.49 16.72
C GLY A 64 -10.92 -9.31 17.97
N GLN A 65 -10.60 -8.75 19.13
CA GLN A 65 -10.84 -9.43 20.40
C GLN A 65 -12.28 -9.27 20.85
N ALA A 66 -12.60 -9.84 22.00
CA ALA A 66 -13.93 -9.73 22.59
C ALA A 66 -14.10 -8.37 23.26
N LEU A 67 -15.27 -7.76 23.08
CA LEU A 67 -15.55 -6.45 23.65
C LEU A 67 -16.84 -6.48 24.45
N ASP A 68 -16.85 -5.74 25.57
CA ASP A 68 -18.01 -5.73 26.45
C ASP A 68 -18.92 -4.54 26.19
N VAL A 69 -20.13 -4.82 25.72
CA VAL A 69 -21.15 -3.79 25.59
C VAL A 69 -21.85 -3.61 26.92
N ARG A 70 -21.76 -2.41 27.48
CA ARG A 70 -22.29 -2.15 28.82
C ARG A 70 -22.77 -0.71 28.96
N GLY A 71 -23.11 -0.33 30.19
CA GLY A 71 -23.57 1.01 30.49
C GLY A 71 -24.83 1.36 29.74
N ILE A 72 -24.99 2.64 29.42
CA ILE A 72 -26.16 3.09 28.67
C ILE A 72 -26.10 2.62 27.23
N ALA A 73 -24.94 2.10 26.83
CA ALA A 73 -24.75 1.60 25.47
C ALA A 73 -25.59 0.36 25.24
N THR A 74 -25.90 -0.35 26.30
CA THR A 74 -26.77 -1.53 26.23
C THR A 74 -28.18 -1.10 25.86
N HIS A 75 -28.61 0.03 26.40
CA HIS A 75 -29.90 0.62 26.05
C HIS A 75 -29.94 0.97 24.57
N ILE A 76 -28.84 1.54 24.08
CA ILE A 76 -28.71 1.92 22.68
C ILE A 76 -28.78 0.69 21.77
N ALA A 77 -28.17 -0.41 22.21
CA ALA A 77 -28.14 -1.64 21.45
C ALA A 77 -29.53 -2.22 21.23
N ARG A 78 -30.39 -2.07 22.24
CA ARG A 78 -31.74 -2.60 22.17
C ARG A 78 -32.58 -1.86 21.15
N GLU A 79 -32.56 -0.53 21.21
CA GLU A 79 -33.39 0.27 20.33
C GLU A 79 -32.94 0.19 18.87
N MET A 80 -31.79 -0.43 18.64
CA MET A 80 -31.35 -0.74 17.29
C MET A 80 -31.78 -2.15 16.90
N GLY A 81 -32.39 -2.85 17.85
CA GLY A 81 -32.89 -4.20 17.61
C GLY A 81 -31.82 -5.25 17.47
N ILE A 82 -30.57 -4.87 17.72
CA ILE A 82 -29.45 -5.78 17.55
C ILE A 82 -29.04 -6.47 18.85
N TYR A 83 -29.70 -6.11 19.96
CA TYR A 83 -29.34 -6.65 21.26
C TYR A 83 -29.52 -8.16 21.33
N ASP A 84 -30.56 -8.66 20.66
CA ASP A 84 -30.84 -10.08 20.67
C ASP A 84 -29.80 -10.84 19.85
N GLN A 85 -29.35 -10.23 18.76
CA GLN A 85 -28.33 -10.84 17.92
C GLN A 85 -26.99 -10.88 18.65
N ILE A 86 -26.78 -9.90 19.51
CA ILE A 86 -25.55 -9.82 20.31
C ILE A 86 -25.50 -10.94 21.33
N CYS A 87 -26.62 -11.17 21.99
CA CYS A 87 -26.71 -12.21 23.02
C CYS A 87 -26.52 -13.60 22.39
N GLU A 88 -26.82 -13.71 21.10
CA GLU A 88 -26.57 -14.94 20.37
C GLU A 88 -25.07 -15.17 20.20
N MET A 89 -24.37 -14.12 19.80
CA MET A 89 -22.96 -14.21 19.46
C MET A 89 -22.04 -13.94 20.66
N ARG A 90 -22.66 -13.78 21.84
CA ARG A 90 -21.92 -13.50 23.06
C ARG A 90 -20.88 -14.58 23.35
N THR A 91 -19.78 -14.20 23.98
CA THR A 91 -18.70 -15.13 24.28
C THR A 91 -19.21 -16.30 25.11
N ARG A 92 -18.99 -17.50 24.59
CA ARG A 92 -19.46 -18.70 25.26
C ARG A 92 -18.37 -19.40 26.06
N ILE A 93 -17.18 -18.80 26.08
CA ILE A 93 -16.03 -19.41 26.75
C ILE A 93 -16.35 -19.72 28.21
N GLU A 94 -16.18 -20.98 28.58
CA GLU A 94 -16.58 -21.46 29.90
C GLU A 94 -15.53 -21.18 30.98
N ARG A 95 -14.26 -21.38 30.64
CA ARG A 95 -13.18 -21.33 31.63
C ARG A 95 -11.88 -20.77 31.05
N GLY A 96 -11.01 -20.31 31.94
CA GLY A 96 -9.66 -19.93 31.56
C GLY A 96 -8.75 -20.10 32.76
N ARG A 97 -7.46 -20.32 32.50
CA ARG A 97 -6.51 -20.56 33.58
C ARG A 97 -5.19 -19.86 33.25
N PHE A 98 -4.53 -19.33 34.28
CA PHE A 98 -3.31 -18.58 34.04
C PHE A 98 -2.09 -19.48 34.17
N VAL A 99 -1.47 -19.75 33.02
CA VAL A 99 -0.31 -20.62 32.92
C VAL A 99 0.98 -19.88 33.24
N ASP A 100 1.99 -20.62 33.70
CA ASP A 100 3.34 -20.08 33.81
C ASP A 100 4.09 -20.35 32.50
N SER A 101 5.40 -20.11 32.49
CA SER A 101 6.19 -20.32 31.29
C SER A 101 6.25 -21.79 30.86
N SER A 102 6.18 -22.69 31.84
CA SER A 102 6.33 -24.12 31.57
C SER A 102 5.02 -24.83 31.24
N GLY A 103 3.90 -24.14 31.44
CA GLY A 103 2.60 -24.74 31.18
C GLY A 103 1.82 -25.08 32.43
N LYS A 104 2.50 -25.06 33.58
CA LYS A 104 1.86 -25.36 34.85
C LYS A 104 0.79 -24.31 35.16
N VAL A 105 -0.27 -24.73 35.85
CA VAL A 105 -1.38 -23.84 36.15
C VAL A 105 -1.24 -23.16 37.50
N LEU A 106 -1.01 -21.85 37.49
CA LEU A 106 -0.88 -21.07 38.71
C LEU A 106 -2.26 -20.71 39.28
N HIS A 107 -3.17 -20.31 38.40
CA HIS A 107 -4.50 -19.86 38.80
C HIS A 107 -5.51 -20.20 37.72
N GLU A 108 -6.71 -20.62 38.11
CA GLU A 108 -7.71 -20.96 37.11
C GLU A 108 -9.11 -20.42 37.39
N GLU A 109 -9.60 -19.58 36.47
CA GLU A 109 -11.02 -19.30 36.33
C GLU A 109 -11.63 -18.37 37.40
N GLN A 110 -10.96 -18.21 38.52
CA GLN A 110 -11.53 -17.41 39.60
C GLN A 110 -11.28 -15.91 39.43
N GLY A 111 -12.25 -15.11 39.86
CA GLY A 111 -12.17 -13.66 39.76
C GLY A 111 -12.58 -13.16 38.40
N ASP A 119 -27.16 -7.17 35.90
CA ASP A 119 -26.91 -6.09 34.94
C ASP A 119 -26.95 -6.61 33.51
N ASP A 120 -27.41 -5.76 32.59
CA ASP A 120 -27.42 -6.12 31.18
C ASP A 120 -26.15 -5.63 30.50
N GLU A 121 -25.30 -6.57 30.12
CA GLU A 121 -24.11 -6.28 29.34
C GLU A 121 -23.67 -7.57 28.66
N VAL A 122 -22.90 -7.46 27.58
CA VAL A 122 -22.53 -8.64 26.81
C VAL A 122 -21.07 -8.61 26.39
N GLU A 123 -20.43 -9.78 26.45
CA GLU A 123 -19.08 -9.93 25.94
C GLU A 123 -19.14 -10.62 24.59
N ILE A 124 -18.85 -9.87 23.54
CA ILE A 124 -18.95 -10.38 22.18
C ILE A 124 -17.78 -9.93 21.33
N LEU A 125 -17.34 -10.80 20.42
CA LEU A 125 -16.29 -10.44 19.48
C LEU A 125 -16.74 -9.27 18.62
N ARG A 126 -15.89 -8.27 18.48
CA ARG A 126 -16.24 -7.06 17.74
C ARG A 126 -16.57 -7.39 16.29
N GLY A 127 -16.02 -8.49 15.78
CA GLY A 127 -16.32 -8.94 14.43
C GLY A 127 -17.79 -9.27 14.28
N ASP A 128 -18.33 -9.96 15.28
CA ASP A 128 -19.75 -10.29 15.30
C ASP A 128 -20.59 -9.04 15.47
N LEU A 129 -20.12 -8.15 16.35
CA LEU A 129 -20.80 -6.89 16.61
C LEU A 129 -20.81 -6.01 15.36
N VAL A 130 -19.66 -5.93 14.69
CA VAL A 130 -19.56 -5.14 13.47
C VAL A 130 -20.44 -5.69 12.37
N GLU A 131 -20.47 -7.02 12.24
CA GLU A 131 -21.29 -7.67 11.24
C GLU A 131 -22.77 -7.47 11.55
N ILE A 132 -23.12 -7.50 12.84
CA ILE A 132 -24.48 -7.25 13.27
C ILE A 132 -24.86 -5.80 13.01
N LEU A 133 -23.89 -4.90 13.17
CA LEU A 133 -24.11 -3.49 12.87
C LEU A 133 -24.21 -3.25 11.36
N MET A 134 -23.44 -4.03 10.60
CA MET A 134 -23.45 -3.93 9.15
C MET A 134 -24.70 -4.58 8.57
N LYS A 135 -25.29 -5.49 9.34
CA LYS A 135 -26.54 -6.13 8.93
C LYS A 135 -27.70 -5.14 9.08
N THR A 136 -27.54 -4.20 9.99
CA THR A 136 -28.59 -3.22 10.28
C THR A 136 -28.63 -2.09 9.24
N ILE A 137 -27.46 -1.70 8.76
CA ILE A 137 -27.34 -0.57 7.85
C ILE A 137 -27.38 -0.98 6.38
N ALA A 138 -27.70 -2.25 6.13
CA ALA A 138 -27.68 -2.84 4.79
C ALA A 138 -28.43 -1.98 3.76
N ASP A 139 -29.41 -1.20 4.23
CA ASP A 139 -30.08 -0.24 3.38
C ASP A 139 -29.09 0.82 2.91
N VAL A 140 -28.25 1.28 3.82
CA VAL A 140 -27.26 2.30 3.53
C VAL A 140 -26.20 1.79 2.55
N PRO A 141 -25.88 2.59 1.52
CA PRO A 141 -24.83 2.27 0.54
C PRO A 141 -23.46 2.21 1.19
N CYS A 142 -22.70 1.17 0.87
CA CYS A 142 -21.36 1.02 1.42
C CYS A 142 -20.34 0.69 0.34
N TYR A 143 -19.35 1.57 0.19
CA TYR A 143 -18.30 1.38 -0.79
C TYR A 143 -16.98 1.04 -0.10
N PHE A 144 -16.52 -0.19 -0.29
CA PHE A 144 -15.19 -0.58 0.18
C PHE A 144 -14.16 -0.18 -0.87
N ASN A 145 -12.89 -0.43 -0.57
CA ASN A 145 -11.79 -0.05 -1.46
C ASN A 145 -11.80 1.44 -1.80
N GLN A 146 -12.35 2.26 -0.91
CA GLN A 146 -12.41 3.70 -1.10
C GLN A 146 -11.60 4.43 -0.04
N SER A 147 -10.71 5.31 -0.46
CA SER A 147 -9.85 6.04 0.46
C SER A 147 -9.77 7.52 0.10
N ILE A 148 -9.70 8.38 1.11
CA ILE A 148 -9.65 9.82 0.91
C ILE A 148 -8.23 10.35 0.92
N ILE A 149 -7.76 10.81 -0.23
CA ILE A 149 -6.44 11.42 -0.32
C ILE A 149 -6.47 12.92 -0.06
N SER A 150 -7.67 13.51 -0.14
CA SER A 150 -7.81 14.95 0.05
C SER A 150 -9.16 15.34 0.60
N ILE A 151 -9.17 16.35 1.47
CA ILE A 151 -10.43 16.92 1.95
C ILE A 151 -10.31 18.43 2.11
N GLU A 152 -11.28 19.14 1.55
CA GLU A 152 -11.32 20.61 1.62
C GLU A 152 -12.66 21.07 2.16
N GLN A 153 -12.71 22.31 2.65
CA GLN A 153 -13.94 22.81 3.25
C GLN A 153 -14.14 24.32 3.10
N ASN A 154 -15.39 24.71 2.90
CA ASN A 154 -15.81 26.11 2.97
C ASN A 154 -17.25 26.15 3.49
N ALA A 155 -17.82 27.34 3.55
CA ALA A 155 -19.17 27.51 4.11
C ALA A 155 -20.23 26.72 3.34
N ASP A 156 -20.04 26.62 2.03
CA ASP A 156 -21.04 26.03 1.15
C ASP A 156 -21.04 24.50 1.15
N ASN A 157 -19.85 23.89 1.12
CA ASN A 157 -19.77 22.44 1.00
C ASN A 157 -18.46 21.85 1.52
N VAL A 158 -18.32 20.54 1.37
CA VAL A 158 -17.11 19.82 1.74
C VAL A 158 -16.63 18.99 0.56
N THR A 159 -15.47 19.34 0.02
CA THR A 159 -14.96 18.67 -1.16
C THR A 159 -14.09 17.46 -0.80
N VAL A 160 -14.33 16.35 -1.47
CA VAL A 160 -13.59 15.12 -1.22
C VAL A 160 -12.90 14.62 -2.48
N ILE A 161 -11.64 14.24 -2.33
CA ILE A 161 -10.90 13.63 -3.43
C ILE A 161 -10.57 12.19 -3.10
N PHE A 162 -11.23 11.26 -3.77
CA PHE A 162 -10.98 9.83 -3.57
C PHE A 162 -9.70 9.40 -4.28
N MET A 163 -9.09 8.33 -3.80
CA MET A 163 -7.82 7.86 -4.36
C MET A 163 -7.98 7.38 -5.79
N ASP A 164 -9.20 7.01 -6.18
CA ASP A 164 -9.45 6.57 -7.55
C ASP A 164 -9.61 7.77 -8.48
N GLY A 165 -9.67 8.97 -7.89
CA GLY A 165 -9.73 10.19 -8.66
C GLY A 165 -11.10 10.85 -8.68
N ARG A 166 -12.10 10.14 -8.19
CA ARG A 166 -13.46 10.66 -8.17
C ARG A 166 -13.56 11.85 -7.22
N ILE A 167 -14.33 12.85 -7.62
CA ILE A 167 -14.50 14.05 -6.82
C ILE A 167 -15.97 14.34 -6.52
N GLU A 168 -16.28 14.57 -5.24
CA GLU A 168 -17.65 14.84 -4.82
C GLU A 168 -17.69 15.81 -3.65
N GLN A 169 -18.83 16.49 -3.50
CA GLN A 169 -19.01 17.49 -2.45
C GLN A 169 -20.23 17.17 -1.59
N TYR A 170 -20.03 17.15 -0.27
CA TYR A 170 -21.09 16.82 0.67
C TYR A 170 -21.38 17.99 1.60
N ASP A 171 -22.57 17.99 2.19
CA ASP A 171 -22.93 19.03 3.16
C ASP A 171 -22.20 18.77 4.48
N LEU A 172 -22.17 17.51 4.89
CA LEU A 172 -21.48 17.11 6.10
C LEU A 172 -20.66 15.84 5.89
N VAL A 173 -19.57 15.71 6.63
CA VAL A 173 -18.73 14.53 6.57
C VAL A 173 -18.37 14.03 7.97
N ILE A 174 -18.75 12.80 8.27
CA ILE A 174 -18.46 12.20 9.57
C ILE A 174 -17.33 11.17 9.46
N ALA A 175 -16.30 11.34 10.28
CA ALA A 175 -15.12 10.47 10.23
C ALA A 175 -15.18 9.36 11.26
N ALA A 176 -15.28 8.12 10.78
CA ALA A 176 -15.28 6.95 11.64
C ALA A 176 -13.89 6.33 11.75
N ASP A 177 -12.90 6.99 11.15
CA ASP A 177 -11.55 6.44 11.00
C ASP A 177 -10.95 5.85 12.28
N GLY A 178 -11.20 6.48 13.42
CA GLY A 178 -10.66 5.98 14.68
C GLY A 178 -9.39 6.69 15.11
N ILE A 179 -8.63 6.04 16.01
CA ILE A 179 -7.46 6.63 16.64
C ILE A 179 -6.45 7.23 15.65
N HIS A 180 -6.22 6.52 14.55
CA HIS A 180 -5.20 6.87 13.58
C HIS A 180 -5.75 7.74 12.44
N SER A 181 -6.99 8.21 12.61
CA SER A 181 -7.75 8.85 11.54
C SER A 181 -6.97 9.90 10.75
N ALA A 182 -6.99 9.76 9.43
CA ALA A 182 -6.34 10.70 8.53
C ALA A 182 -7.17 11.95 8.36
N ILE A 183 -8.49 11.80 8.51
CA ILE A 183 -9.40 12.93 8.41
C ILE A 183 -9.15 13.92 9.53
N ARG A 184 -8.64 13.42 10.65
CA ARG A 184 -8.34 14.27 11.79
C ARG A 184 -7.11 15.14 11.53
N ARG A 185 -6.06 14.53 10.97
CA ARG A 185 -4.81 15.25 10.73
C ARG A 185 -4.93 16.23 9.58
N MET A 186 -5.85 15.97 8.66
CA MET A 186 -6.03 16.82 7.49
C MET A 186 -6.84 18.09 7.83
N ILE A 187 -7.91 17.92 8.60
CA ILE A 187 -8.77 19.04 8.94
C ILE A 187 -8.30 19.78 10.20
N PHE A 188 -7.43 19.15 10.97
CA PHE A 188 -6.92 19.75 12.20
C PHE A 188 -5.41 19.96 12.15
N GLU A 189 -4.93 20.95 12.91
CA GLU A 189 -3.50 21.17 13.02
C GLU A 189 -2.96 20.49 14.28
N LYS A 190 -1.65 20.59 14.48
CA LYS A 190 -1.00 19.87 15.57
C LYS A 190 -1.43 20.36 16.95
N ASN A 191 -1.70 21.66 17.08
CA ASN A 191 -2.04 22.23 18.37
C ASN A 191 -3.50 22.00 18.79
N GLU A 192 -4.35 21.71 17.82
CA GLU A 192 -5.78 21.53 18.09
C GLU A 192 -6.07 20.22 18.83
N TYR A 193 -5.30 19.17 18.51
CA TYR A 193 -5.49 17.87 19.16
C TYR A 193 -4.15 17.29 19.58
N GLN A 194 -4.17 16.36 20.52
CA GLN A 194 -2.95 15.67 20.92
C GLN A 194 -3.22 14.18 21.16
N LEU A 195 -2.34 13.34 20.64
CA LEU A 195 -2.44 11.90 20.81
C LEU A 195 -1.60 11.43 21.99
N ILE A 196 -2.26 10.93 23.02
CA ILE A 196 -1.58 10.47 24.22
C ILE A 196 -1.30 8.97 24.19
N HIS A 197 -0.02 8.63 24.36
CA HIS A 197 0.40 7.24 24.36
C HIS A 197 0.43 6.68 25.78
N LEU A 198 -0.31 5.60 26.02
CA LEU A 198 -0.44 5.03 27.35
C LEU A 198 0.71 4.09 27.70
N GLY A 199 1.65 3.93 26.77
CA GLY A 199 2.87 3.18 27.03
C GLY A 199 2.73 1.67 26.92
N ALA A 200 1.75 1.22 26.13
CA ALA A 200 1.54 -0.21 25.95
C ALA A 200 1.01 -0.50 24.55
N TYR A 201 1.25 -1.72 24.08
CA TYR A 201 0.73 -2.13 22.78
C TYR A 201 -0.28 -3.27 22.93
N LEU A 202 -0.89 -3.66 21.82
CA LEU A 202 -1.86 -4.75 21.82
C LEU A 202 -1.90 -5.42 20.46
N SER A 203 -2.15 -6.73 20.45
CA SER A 203 -2.27 -7.45 19.19
C SER A 203 -3.19 -8.67 19.34
N THR A 204 -3.93 -8.98 18.28
CA THR A 204 -4.79 -10.15 18.24
C THR A 204 -4.99 -10.63 16.81
N PHE A 205 -5.27 -11.91 16.63
CA PHE A 205 -5.51 -12.47 15.31
C PHE A 205 -5.90 -13.95 15.38
N THR A 206 -6.44 -14.47 14.28
CA THR A 206 -6.99 -15.82 14.25
C THR A 206 -6.07 -16.83 13.58
N ILE A 207 -5.77 -17.91 14.30
CA ILE A 207 -4.99 -19.01 13.75
C ILE A 207 -5.68 -20.33 14.04
N PRO A 208 -5.45 -21.34 13.20
CA PRO A 208 -5.96 -22.68 13.48
C PRO A 208 -5.45 -23.17 14.83
N ASN A 209 -6.25 -23.97 15.54
CA ASN A 209 -5.91 -24.34 16.91
C ASN A 209 -5.06 -25.60 16.93
N TYR A 210 -3.81 -25.46 17.34
CA TYR A 210 -2.88 -26.58 17.47
C TYR A 210 -3.07 -27.30 18.79
N LEU A 211 -3.68 -26.61 19.75
CA LEU A 211 -4.02 -27.21 21.04
C LEU A 211 -5.29 -28.03 20.91
N GLY A 212 -6.26 -27.51 20.15
CA GLY A 212 -7.53 -28.17 19.94
C GLY A 212 -8.51 -27.92 21.06
N LEU A 213 -8.13 -27.05 21.99
CA LEU A 213 -8.99 -26.69 23.12
C LEU A 213 -10.28 -26.04 22.62
N SER A 214 -11.36 -26.21 23.38
CA SER A 214 -12.63 -25.58 23.05
C SER A 214 -13.22 -24.84 24.25
N HIS A 215 -13.51 -23.55 24.07
CA HIS A 215 -14.06 -22.72 25.14
C HIS A 215 -13.11 -22.63 26.33
N ILE A 216 -11.82 -22.54 26.04
CA ILE A 216 -10.79 -22.40 27.07
C ILE A 216 -9.89 -21.21 26.76
N ASP A 217 -9.30 -20.62 27.80
CA ASP A 217 -8.43 -19.47 27.62
C ASP A 217 -7.14 -19.65 28.40
N LEU A 218 -6.00 -19.54 27.70
CA LEU A 218 -4.70 -19.69 28.33
C LEU A 218 -3.89 -18.40 28.23
N GLU A 219 -3.47 -17.87 29.38
CA GLU A 219 -2.71 -16.63 29.40
C GLU A 219 -1.61 -16.67 30.45
N CYS A 220 -0.40 -16.25 30.05
CA CYS A 220 0.72 -16.17 30.97
C CYS A 220 1.30 -14.77 30.97
N GLU A 221 1.42 -14.18 32.16
CA GLU A 221 1.93 -12.83 32.32
C GLU A 221 3.36 -12.83 32.86
N ALA A 222 4.32 -12.45 32.01
CA ALA A 222 5.73 -12.42 32.40
C ALA A 222 6.45 -11.22 31.81
N ASN A 223 7.21 -10.52 32.63
CA ASN A 223 7.96 -9.33 32.18
C ASN A 223 7.07 -8.27 31.55
N ASN A 224 5.95 -7.98 32.20
CA ASN A 224 4.99 -7.00 31.70
C ASN A 224 4.50 -7.34 30.29
N LYS A 225 4.46 -8.64 29.98
CA LYS A 225 3.96 -9.12 28.70
C LYS A 225 2.87 -10.16 28.92
N LEU A 226 1.94 -10.28 27.98
CA LEU A 226 0.85 -11.24 28.10
C LEU A 226 0.53 -11.91 26.78
N VAL A 227 0.32 -13.23 26.84
CA VAL A 227 -0.06 -14.00 25.66
C VAL A 227 -1.39 -14.69 25.90
N SER A 228 -2.32 -14.52 24.98
CA SER A 228 -3.66 -15.06 25.13
C SER A 228 -4.10 -15.86 23.91
N ILE A 229 -4.38 -17.14 24.12
CA ILE A 229 -4.90 -17.99 23.06
C ILE A 229 -6.12 -18.76 23.57
N ASN A 230 -7.21 -18.70 22.81
CA ASN A 230 -8.48 -19.28 23.26
C ASN A 230 -9.35 -19.80 22.12
N SER A 231 -10.34 -20.62 22.46
CA SER A 231 -11.29 -21.12 21.48
C SER A 231 -12.71 -20.71 21.84
N ASP A 232 -13.60 -20.76 20.86
CA ASP A 232 -14.95 -20.24 21.01
C ASP A 232 -15.91 -21.01 20.12
N ASN A 233 -17.09 -20.44 19.90
CA ASN A 233 -18.17 -21.09 19.17
C ASN A 233 -17.70 -21.79 17.90
N ASN A 234 -16.73 -21.19 17.21
CA ASN A 234 -16.04 -21.91 16.14
C ASN A 234 -14.88 -22.68 16.75
N PRO A 235 -15.02 -24.02 16.82
CA PRO A 235 -14.07 -24.91 17.49
C PRO A 235 -12.75 -25.05 16.74
N GLU A 236 -12.79 -24.86 15.42
CA GLU A 236 -11.62 -25.09 14.58
C GLU A 236 -10.47 -24.13 14.87
N ILE A 237 -10.80 -22.85 15.04
CA ILE A 237 -9.77 -21.82 15.16
C ILE A 237 -9.61 -21.32 16.59
N ALA A 238 -8.38 -20.97 16.93
CA ALA A 238 -8.08 -20.37 18.23
C ALA A 238 -7.57 -18.95 18.01
N ARG A 239 -8.18 -17.99 18.69
CA ARG A 239 -7.80 -16.59 18.53
C ARG A 239 -6.71 -16.22 19.52
N ALA A 240 -5.52 -15.91 19.01
CA ALA A 240 -4.40 -15.57 19.86
C ALA A 240 -4.36 -14.07 20.15
N GLY A 241 -3.39 -13.65 20.94
CA GLY A 241 -3.23 -12.25 21.28
C GLY A 241 -1.93 -11.98 22.00
N PHE A 242 -1.46 -10.73 21.90
CA PHE A 242 -0.23 -10.32 22.55
C PHE A 242 -0.39 -8.93 23.16
N MET A 243 -0.03 -8.79 24.43
CA MET A 243 -0.08 -7.50 25.09
C MET A 243 1.20 -7.24 25.89
N PHE A 244 1.91 -6.18 25.52
CA PHE A 244 3.16 -5.86 26.19
C PHE A 244 3.29 -4.36 26.43
N ARG A 245 3.87 -4.00 27.57
CA ARG A 245 4.09 -2.60 27.91
C ARG A 245 5.44 -2.12 27.39
N SER A 246 5.43 -1.15 26.48
CA SER A 246 6.67 -0.64 25.89
C SER A 246 6.55 0.83 25.51
N GLN A 247 7.68 1.54 25.59
CA GLN A 247 7.74 2.94 25.18
C GLN A 247 8.27 3.06 23.75
N HIS A 248 8.61 1.94 23.12
CA HIS A 248 9.14 1.92 21.77
C HIS A 248 8.15 2.53 20.77
N LEU A 249 8.68 3.22 19.77
CA LEU A 249 7.86 3.84 18.74
C LEU A 249 8.23 3.34 17.35
N LEU A 250 7.28 2.68 16.69
CA LEU A 250 7.41 2.33 15.29
C LEU A 250 7.51 3.60 14.46
N ASN A 251 8.32 3.57 13.41
CA ASN A 251 8.41 4.73 12.51
C ASN A 251 7.08 4.96 11.82
N ASP A 252 6.52 3.91 11.23
CA ASP A 252 5.17 3.96 10.66
C ASP A 252 4.35 2.83 11.27
N ILE A 253 3.29 3.18 11.97
CA ILE A 253 2.49 2.19 12.70
C ILE A 253 1.46 1.51 11.79
N ARG A 254 1.41 1.95 10.53
CA ARG A 254 0.49 1.37 9.57
C ARG A 254 1.11 0.21 8.79
N ASP A 255 2.41 -0.01 8.98
CA ASP A 255 3.08 -1.12 8.33
C ASP A 255 3.04 -2.37 9.19
N GLU A 256 2.30 -3.37 8.73
CA GLU A 256 2.05 -4.58 9.50
C GLU A 256 3.33 -5.35 9.81
N GLN A 257 4.22 -5.43 8.83
CA GLN A 257 5.46 -6.19 8.97
C GLN A 257 6.38 -5.56 10.00
N GLU A 258 6.32 -4.24 10.15
CA GLU A 258 7.02 -3.57 11.23
C GLU A 258 6.34 -3.91 12.55
N GLN A 259 5.02 -4.03 12.52
CA GLN A 259 4.24 -4.46 13.66
C GLN A 259 4.55 -5.92 14.01
N LYS A 260 4.53 -6.76 12.99
CA LYS A 260 4.81 -8.18 13.16
C LYS A 260 6.25 -8.42 13.63
N GLN A 261 7.20 -7.83 12.91
CA GLN A 261 8.62 -7.92 13.28
C GLN A 261 8.83 -7.42 14.70
N PHE A 262 8.19 -6.31 15.05
CA PHE A 262 8.31 -5.76 16.38
C PHE A 262 7.76 -6.71 17.43
N LEU A 263 6.72 -7.46 17.06
CA LEU A 263 6.14 -8.47 17.94
C LEU A 263 7.14 -9.57 18.26
N ARG A 264 7.80 -10.09 17.23
CA ARG A 264 8.79 -11.15 17.40
C ARG A 264 9.97 -10.69 18.26
N ASP A 265 10.49 -9.50 17.96
CA ASP A 265 11.63 -8.94 18.68
C ASP A 265 11.35 -8.79 20.17
N THR A 266 10.15 -8.34 20.51
CA THR A 266 9.79 -8.15 21.92
C THR A 266 9.60 -9.47 22.64
N PHE A 267 8.94 -10.42 21.98
CA PHE A 267 8.63 -11.69 22.61
C PHE A 267 9.65 -12.78 22.31
N ARG A 268 10.72 -12.40 21.62
CA ARG A 268 11.87 -13.28 21.51
C ARG A 268 12.37 -13.57 22.93
N ASP A 269 12.67 -14.83 23.19
CA ASP A 269 13.16 -15.31 24.49
C ASP A 269 12.04 -15.57 25.49
N PHE A 270 10.80 -15.23 25.15
CA PHE A 270 9.69 -15.37 26.09
C PHE A 270 9.38 -16.81 26.45
N GLY A 271 9.44 -17.70 25.46
CA GLY A 271 9.23 -19.12 25.69
C GLY A 271 7.77 -19.52 25.68
N TRP A 272 7.47 -20.63 26.36
CA TRP A 272 6.12 -21.20 26.38
C TRP A 272 5.62 -21.48 24.96
N GLU A 273 4.44 -20.98 24.63
CA GLU A 273 3.80 -21.24 23.36
C GLU A 273 4.07 -20.14 22.34
N THR A 274 4.89 -19.17 22.73
CA THR A 274 5.17 -17.99 21.93
C THR A 274 5.59 -18.28 20.49
N GLN A 275 6.64 -19.06 20.33
CA GLN A 275 7.17 -19.36 19.00
C GLN A 275 6.15 -20.11 18.14
N ASN A 276 5.42 -21.03 18.77
CA ASN A 276 4.41 -21.80 18.06
C ASN A 276 3.25 -20.93 17.56
N ILE A 277 3.02 -19.82 18.25
CA ILE A 277 1.99 -18.88 17.84
C ILE A 277 2.49 -17.99 16.71
N LEU A 278 3.73 -17.55 16.82
CA LEU A 278 4.32 -16.63 15.85
C LEU A 278 4.52 -17.30 14.49
N ASN A 279 4.68 -18.61 14.50
CA ASN A 279 4.90 -19.36 13.26
C ASN A 279 3.61 -19.53 12.45
N ARG A 280 2.48 -19.64 13.14
CA ARG A 280 1.19 -19.78 12.47
C ARG A 280 0.57 -18.41 12.23
N MET A 281 1.29 -17.36 12.61
CA MET A 281 0.83 -15.99 12.48
C MET A 281 0.66 -15.51 11.03
N PRO A 282 1.70 -15.70 10.19
CA PRO A 282 1.72 -15.14 8.83
C PRO A 282 0.50 -15.47 7.97
N GLU A 283 -0.22 -16.53 8.30
CA GLU A 283 -1.37 -16.94 7.49
C GLU A 283 -2.70 -16.38 7.99
N SER A 284 -2.64 -15.60 9.07
CA SER A 284 -3.85 -15.01 9.65
C SER A 284 -4.26 -13.74 8.90
N ASN A 285 -5.49 -13.74 8.37
CA ASN A 285 -5.98 -12.62 7.59
C ASN A 285 -6.53 -11.47 8.41
N ASP A 286 -6.92 -11.76 9.65
CA ASP A 286 -7.59 -10.77 10.49
C ASP A 286 -6.62 -10.02 11.39
N PHE A 287 -5.31 -10.25 11.20
CA PHE A 287 -4.27 -9.75 12.08
C PHE A 287 -4.40 -8.26 12.40
N TYR A 288 -4.34 -7.93 13.69
CA TYR A 288 -4.47 -6.56 14.14
C TYR A 288 -3.39 -6.19 15.17
N PHE A 289 -2.65 -5.12 14.89
CA PHE A 289 -1.62 -4.62 15.80
C PHE A 289 -1.82 -3.12 16.00
N ASP A 290 -1.56 -2.64 17.21
CA ASP A 290 -1.59 -1.21 17.49
C ASP A 290 -0.93 -0.89 18.82
N ALA A 291 -0.83 0.41 19.12
CA ALA A 291 -0.26 0.87 20.38
C ALA A 291 -1.34 1.60 21.18
N ILE A 292 -1.53 1.20 22.43
CA ILE A 292 -2.57 1.80 23.26
C ILE A 292 -2.34 3.30 23.41
N THR A 293 -3.33 4.08 22.99
CA THR A 293 -3.28 5.53 23.04
C THR A 293 -4.68 6.09 23.13
N GLN A 294 -4.82 7.30 23.63
CA GLN A 294 -6.13 7.94 23.69
C GLN A 294 -6.04 9.38 23.21
N VAL A 295 -6.97 9.76 22.34
CA VAL A 295 -6.97 11.09 21.72
C VAL A 295 -7.63 12.13 22.61
N LYS A 296 -6.94 13.25 22.82
CA LYS A 296 -7.50 14.36 23.57
C LYS A 296 -7.70 15.56 22.64
N MET A 297 -8.95 15.98 22.49
CA MET A 297 -9.29 17.11 21.64
C MET A 297 -10.28 18.04 22.34
N ASN A 298 -10.08 19.34 22.17
CA ASN A 298 -11.03 20.33 22.68
C ASN A 298 -12.35 20.22 21.96
N SER A 299 -12.29 20.27 20.63
CA SER A 299 -13.48 20.14 19.80
C SER A 299 -13.37 18.92 18.89
N TRP A 300 -14.47 18.17 18.78
CA TRP A 300 -14.50 17.01 17.92
C TRP A 300 -15.10 17.34 16.56
N THR A 301 -15.42 18.62 16.35
CA THR A 301 -16.01 19.06 15.10
C THR A 301 -15.48 20.40 14.66
N LYS A 302 -15.18 20.53 13.36
CA LYS A 302 -14.77 21.80 12.78
C LYS A 302 -15.55 22.07 11.50
N GLY A 303 -16.35 23.14 11.51
CA GLY A 303 -17.15 23.50 10.35
C GLY A 303 -18.18 22.45 9.99
N ARG A 304 -18.12 21.96 8.75
CA ARG A 304 -19.05 20.96 8.27
C ARG A 304 -18.53 19.53 8.47
N ILE A 305 -17.37 19.41 9.10
CA ILE A 305 -16.79 18.09 9.36
C ILE A 305 -16.83 17.76 10.85
N ALA A 306 -17.10 16.50 11.16
CA ALA A 306 -17.18 16.06 12.56
C ALA A 306 -16.55 14.70 12.75
N LEU A 307 -15.91 14.50 13.90
CA LEU A 307 -15.27 13.24 14.22
C LEU A 307 -16.14 12.38 15.12
N VAL A 308 -16.18 11.09 14.85
CA VAL A 308 -16.96 10.15 15.66
C VAL A 308 -16.12 8.92 15.99
N GLY A 309 -16.42 8.30 17.13
CA GLY A 309 -15.70 7.11 17.55
C GLY A 309 -14.30 7.43 18.04
N ASP A 310 -13.37 6.53 17.75
CA ASP A 310 -11.99 6.66 18.23
C ASP A 310 -11.30 7.91 17.71
N ALA A 311 -11.78 8.43 16.59
CA ALA A 311 -11.15 9.60 15.97
C ALA A 311 -10.92 10.71 16.99
N GLY A 312 -12.00 11.35 17.41
CA GLY A 312 -11.91 12.36 18.45
C GLY A 312 -11.64 11.91 19.87
N TYR A 313 -12.53 11.07 20.41
CA TYR A 313 -12.55 10.79 21.85
C TYR A 313 -11.89 9.50 22.35
N CYS A 314 -11.19 8.77 21.48
CA CYS A 314 -10.80 7.39 21.80
C CYS A 314 -10.13 7.23 23.17
N PRO A 315 -10.76 6.43 24.04
CA PRO A 315 -10.34 6.03 25.40
C PRO A 315 -9.19 5.03 25.44
N SER A 316 -8.96 4.34 24.33
CA SER A 316 -7.95 3.27 24.22
C SER A 316 -8.47 1.95 24.79
N PRO A 317 -7.85 0.83 24.39
CA PRO A 317 -8.24 -0.54 24.75
C PRO A 317 -8.28 -0.79 26.27
N LEU A 318 -7.28 -0.29 26.99
CA LEU A 318 -7.21 -0.50 28.43
C LEU A 318 -8.44 0.06 29.14
N SER A 319 -9.04 1.08 28.53
CA SER A 319 -10.29 1.64 29.03
C SER A 319 -11.40 0.60 28.96
N GLY A 320 -11.44 -0.13 27.84
CA GLY A 320 -12.44 -1.16 27.63
C GLY A 320 -13.80 -0.58 27.27
N GLN A 321 -13.93 0.73 27.42
CA GLN A 321 -15.18 1.42 27.13
C GLN A 321 -15.17 2.02 25.73
N GLY A 322 -14.05 1.87 25.03
CA GLY A 322 -13.90 2.39 23.69
C GLY A 322 -14.98 1.88 22.75
N ASN A 323 -15.50 0.70 23.06
CA ASN A 323 -16.58 0.10 22.29
C ASN A 323 -17.87 0.89 22.43
N ASN A 324 -18.12 1.37 23.66
CA ASN A 324 -19.37 2.04 23.98
C ASN A 324 -19.44 3.50 23.53
N LEU A 325 -18.32 4.21 23.59
CA LEU A 325 -18.29 5.62 23.19
C LEU A 325 -18.75 5.80 21.75
N ALA A 326 -18.53 4.79 20.93
CA ALA A 326 -18.97 4.82 19.54
C ALA A 326 -20.50 4.82 19.46
N PHE A 327 -21.12 4.05 20.35
CA PHE A 327 -22.58 3.98 20.41
C PHE A 327 -23.19 5.27 20.94
N VAL A 328 -22.65 5.77 22.05
CA VAL A 328 -23.14 7.00 22.65
C VAL A 328 -22.89 8.19 21.75
N GLY A 329 -21.75 8.19 21.06
CA GLY A 329 -21.37 9.27 20.17
C GLY A 329 -22.16 9.27 18.87
N ALA A 330 -22.27 8.10 18.25
CA ALA A 330 -22.99 7.99 16.98
C ALA A 330 -24.47 8.30 17.16
N TYR A 331 -24.97 8.06 18.36
CA TYR A 331 -26.37 8.32 18.67
C TYR A 331 -26.65 9.81 18.85
N ILE A 332 -25.83 10.48 19.67
CA ILE A 332 -26.02 11.89 19.95
C ILE A 332 -25.66 12.75 18.74
N LEU A 333 -24.65 12.32 17.98
CA LEU A 333 -24.24 13.00 16.77
C LEU A 333 -25.41 13.11 15.79
N ALA A 334 -25.89 11.97 15.33
CA ALA A 334 -27.02 11.91 14.40
C ALA A 334 -28.26 12.61 14.97
N GLY A 335 -28.44 12.51 16.28
CA GLY A 335 -29.58 13.11 16.95
C GLY A 335 -29.55 14.64 16.91
N GLU A 336 -28.43 15.20 17.36
CA GLU A 336 -28.28 16.66 17.42
C GLU A 336 -28.43 17.32 16.07
N LEU A 337 -28.08 16.60 15.01
CA LEU A 337 -28.20 17.13 13.65
C LEU A 337 -29.65 17.23 13.21
N LYS A 338 -30.50 16.33 13.72
CA LYS A 338 -31.91 16.33 13.37
C LYS A 338 -32.67 17.47 14.06
N VAL A 339 -32.37 17.69 15.34
CA VAL A 339 -33.00 18.76 16.11
C VAL A 339 -32.51 20.11 15.62
N ALA A 340 -31.34 20.12 14.99
CA ALA A 340 -30.78 21.32 14.42
C ALA A 340 -31.68 21.92 13.34
N ASN A 341 -32.42 21.04 12.66
CA ASN A 341 -33.24 21.40 11.51
C ASN A 341 -32.43 22.18 10.49
N GLY A 342 -31.29 21.62 10.10
CA GLY A 342 -30.47 22.22 9.07
C GLY A 342 -29.29 23.03 9.57
N ASN A 343 -29.29 23.39 10.85
CA ASN A 343 -28.17 24.15 11.38
C ASN A 343 -27.15 23.20 11.98
N TYR A 344 -26.05 22.99 11.27
CA TYR A 344 -25.08 21.97 11.66
C TYR A 344 -24.12 22.49 12.73
N THR A 345 -23.83 23.78 12.67
CA THR A 345 -22.93 24.42 13.62
C THR A 345 -23.42 24.23 15.05
N ARG A 346 -24.70 24.50 15.27
CA ARG A 346 -25.30 24.32 16.59
C ARG A 346 -25.37 22.83 16.94
N ALA A 347 -25.67 22.01 15.94
CA ALA A 347 -25.76 20.57 16.14
C ALA A 347 -24.43 19.98 16.61
N PHE A 348 -23.34 20.52 16.08
CA PHE A 348 -22.00 20.06 16.44
C PHE A 348 -21.55 20.61 17.80
N THR A 349 -21.99 21.82 18.12
CA THR A 349 -21.65 22.44 19.40
C THR A 349 -22.33 21.71 20.56
N ARG A 350 -23.58 21.30 20.35
CA ARG A 350 -24.30 20.54 21.36
C ARG A 350 -23.78 19.12 21.41
N TYR A 351 -23.18 18.69 20.30
CA TYR A 351 -22.55 17.37 20.21
C TYR A 351 -21.28 17.33 21.05
N ASN A 352 -20.46 18.37 20.92
CA ASN A 352 -19.23 18.48 21.69
C ASN A 352 -19.48 18.64 23.20
N ALA A 353 -20.40 19.53 23.54
CA ALA A 353 -20.68 19.86 24.93
C ALA A 353 -21.12 18.65 25.77
N LEU A 354 -21.98 17.82 25.20
CA LEU A 354 -22.61 16.73 25.94
C LEU A 354 -21.64 15.58 26.27
N LEU A 355 -20.81 15.19 25.30
CA LEU A 355 -19.95 14.02 25.47
C LEU A 355 -18.66 14.29 26.26
N ARG A 356 -18.26 15.56 26.34
CA ARG A 356 -17.00 15.89 27.01
C ARG A 356 -17.04 15.48 28.48
N SER A 357 -18.20 15.67 29.11
CA SER A 357 -18.39 15.23 30.49
C SER A 357 -18.26 13.71 30.59
N PHE A 358 -18.78 13.02 29.59
CA PHE A 358 -18.75 11.56 29.55
C PHE A 358 -17.37 11.03 29.15
N VAL A 359 -16.77 11.64 28.13
CA VAL A 359 -15.48 11.21 27.64
C VAL A 359 -14.36 11.45 28.67
N ASP A 360 -14.43 12.59 29.35
CA ASP A 360 -13.42 12.94 30.35
C ASP A 360 -13.33 11.89 31.46
N ALA A 361 -14.46 11.63 32.12
CA ALA A 361 -14.49 10.64 33.19
C ALA A 361 -14.11 9.25 32.69
N ASN A 362 -14.42 9.01 31.43
CA ASN A 362 -14.16 7.72 30.81
C ASN A 362 -12.69 7.55 30.42
N GLN A 363 -12.14 8.57 29.76
CA GLN A 363 -10.75 8.52 29.29
C GLN A 363 -9.77 8.37 30.45
N LYS A 364 -10.15 8.92 31.60
CA LYS A 364 -9.29 8.88 32.79
C LYS A 364 -9.25 7.50 33.40
N PHE A 365 -10.29 6.71 33.16
CA PHE A 365 -10.32 5.33 33.65
C PHE A 365 -9.28 4.49 32.93
N GLY A 366 -9.23 4.65 31.60
CA GLY A 366 -8.26 3.93 30.79
C GLY A 366 -6.83 4.27 31.17
N VAL A 367 -6.60 5.51 31.56
CA VAL A 367 -5.28 5.94 31.99
C VAL A 367 -4.94 5.35 33.36
N TRP A 368 -5.96 5.17 34.18
CA TRP A 368 -5.77 4.63 35.53
C TRP A 368 -5.41 3.16 35.48
N VAL A 369 -6.10 2.40 34.63
CA VAL A 369 -5.79 0.99 34.45
C VAL A 369 -4.45 0.83 33.75
N SER A 370 -4.09 1.84 32.95
CA SER A 370 -2.81 1.84 32.24
C SER A 370 -1.65 1.95 33.22
N GLU A 371 -1.91 2.56 34.38
CA GLU A 371 -0.89 2.69 35.42
C GLU A 371 -0.57 1.34 36.05
N SER A 372 -1.61 0.59 36.42
CA SER A 372 -1.44 -0.71 37.04
C SER A 372 -0.75 -1.70 36.09
N PHE A 373 -1.37 -1.90 34.94
CA PHE A 373 -0.82 -2.78 33.91
C PHE A 373 -1.77 -2.90 32.72
N GLU A 385 -6.18 -8.85 46.05
CA GLU A 385 -7.08 -9.98 46.16
C GLU A 385 -8.43 -9.67 45.53
N GLU A 386 -9.49 -10.24 46.09
CA GLU A 386 -10.85 -9.94 45.61
C GLU A 386 -11.24 -8.53 46.04
N ARG A 387 -10.40 -7.90 46.84
CA ARG A 387 -10.56 -6.48 47.16
C ARG A 387 -10.40 -5.65 45.89
N SER A 388 -9.70 -6.22 44.91
CA SER A 388 -9.45 -5.58 43.64
C SER A 388 -10.74 -5.39 42.83
N ASN A 389 -11.82 -5.98 43.30
CA ASN A 389 -13.13 -5.80 42.67
C ASN A 389 -13.60 -4.35 42.75
N LYS A 390 -12.85 -3.55 43.51
CA LYS A 390 -13.07 -2.11 43.60
C LYS A 390 -13.10 -1.45 42.22
N ILE A 391 -12.37 -2.05 41.28
CA ILE A 391 -12.29 -1.53 39.92
C ILE A 391 -13.56 -1.84 39.14
N LEU A 392 -14.18 -2.99 39.43
CA LEU A 392 -15.42 -3.38 38.79
C LEU A 392 -16.52 -2.36 39.09
N ALA A 393 -16.52 -1.87 40.32
CA ALA A 393 -17.50 -0.86 40.73
C ALA A 393 -17.23 0.47 40.02
N MET A 394 -15.97 0.71 39.67
CA MET A 394 -15.60 1.92 38.95
C MET A 394 -16.21 1.97 37.56
N ILE A 395 -16.11 0.86 36.84
CA ILE A 395 -16.61 0.76 35.47
C ILE A 395 -18.10 1.01 35.39
N LYS A 396 -18.84 0.45 36.34
CA LYS A 396 -20.29 0.59 36.37
C LYS A 396 -20.70 2.04 36.58
N SER A 397 -19.83 2.81 37.24
CA SER A 397 -20.09 4.22 37.50
C SER A 397 -19.80 5.08 36.28
N ILE A 398 -18.72 4.75 35.57
CA ILE A 398 -18.30 5.54 34.42
C ILE A 398 -19.11 5.22 33.16
N SER A 399 -19.53 3.96 33.03
CA SER A 399 -20.28 3.52 31.85
C SER A 399 -21.66 4.15 31.79
N ASN A 400 -22.28 4.33 32.95
CA ASN A 400 -23.64 4.90 33.03
C ASN A 400 -23.64 6.40 33.27
N GLY A 401 -22.46 7.02 33.24
CA GLY A 401 -22.29 8.38 33.70
C GLY A 401 -22.78 9.51 32.79
N ILE A 402 -23.54 9.18 31.76
CA ILE A 402 -24.10 10.22 30.89
C ILE A 402 -25.58 9.99 30.63
N THR A 403 -26.31 11.08 30.37
CA THR A 403 -27.74 11.03 30.11
C THR A 403 -28.05 11.30 28.64
N LEU A 404 -28.72 10.35 27.99
CA LEU A 404 -29.04 10.48 26.58
C LEU A 404 -30.35 11.22 26.34
N PRO A 405 -30.28 12.35 25.64
CA PRO A 405 -31.51 12.96 25.13
C PRO A 405 -32.21 11.95 24.24
N GLN A 406 -33.53 11.82 24.37
CA GLN A 406 -34.27 10.77 23.65
C GLN A 406 -34.16 10.90 22.13
N TYR A 407 -34.50 12.06 21.61
CA TYR A 407 -34.46 12.37 20.18
C TYR A 407 -35.51 11.57 19.39
N GLU A 408 -35.96 10.48 20.00
CA GLU A 408 -36.98 9.62 19.41
C GLU A 408 -38.37 10.12 19.73
N SER A 409 -38.55 10.52 20.98
CA SER A 409 -39.85 10.94 21.50
C SER A 409 -40.00 12.46 21.46
N SER A 410 -40.95 12.92 20.65
CA SER A 410 -41.24 14.34 20.55
C SER A 410 -42.55 14.67 21.26
N LYS B 24 8.88 30.25 -24.96
CA LYS B 24 10.19 29.62 -24.77
C LYS B 24 10.14 28.59 -23.64
N ASN B 25 9.96 29.08 -22.41
CA ASN B 25 9.97 28.20 -21.25
C ASN B 25 8.56 27.90 -20.72
N ILE B 26 8.28 26.63 -20.51
CA ILE B 26 6.95 26.18 -20.10
C ILE B 26 7.06 25.00 -19.13
N LYS B 27 5.96 24.68 -18.46
CA LYS B 27 5.96 23.57 -17.49
C LYS B 27 5.68 22.23 -18.17
N ILE B 28 6.64 21.32 -18.05
CA ILE B 28 6.50 19.97 -18.59
C ILE B 28 6.81 18.94 -17.52
N LEU B 29 5.82 18.13 -17.17
CA LEU B 29 5.98 17.13 -16.12
C LEU B 29 6.37 15.77 -16.69
N VAL B 30 7.58 15.32 -16.35
CA VAL B 30 8.02 13.99 -16.75
C VAL B 30 7.84 13.03 -15.57
N ILE B 31 7.17 11.91 -15.83
CA ILE B 31 6.78 11.01 -14.76
C ILE B 31 7.68 9.78 -14.62
N GLY B 32 8.36 9.68 -13.48
CA GLY B 32 9.17 8.54 -13.14
C GLY B 32 10.57 8.64 -13.70
N ALA B 33 11.55 8.08 -12.99
CA ALA B 33 12.90 8.05 -13.51
C ALA B 33 13.26 6.64 -13.95
N GLY B 34 13.24 6.46 -15.27
CA GLY B 34 13.65 5.22 -15.91
C GLY B 34 14.94 5.44 -16.66
N VAL B 35 15.09 4.69 -17.74
CA VAL B 35 16.06 5.02 -18.77
C VAL B 35 15.52 6.22 -19.54
N ALA B 36 14.37 6.02 -20.17
CA ALA B 36 13.73 7.05 -21.00
C ALA B 36 13.33 8.30 -20.21
N GLY B 37 12.84 8.12 -19.00
CA GLY B 37 12.28 9.22 -18.23
C GLY B 37 13.24 10.38 -18.01
N PRO B 38 14.40 10.10 -17.41
CA PRO B 38 15.47 11.10 -17.25
C PRO B 38 16.08 11.48 -18.60
N ALA B 39 16.12 10.51 -19.52
CA ALA B 39 16.66 10.74 -20.85
C ALA B 39 15.91 11.85 -21.56
N VAL B 40 14.59 11.84 -21.44
CA VAL B 40 13.76 12.89 -22.02
C VAL B 40 14.02 14.21 -21.31
N CYS B 41 14.33 14.13 -20.02
CA CYS B 41 14.59 15.32 -19.23
C CYS B 41 15.91 15.97 -19.63
N TYR B 42 16.86 15.17 -20.11
CA TYR B 42 18.14 15.69 -20.56
C TYR B 42 18.00 16.52 -21.82
N TRP B 43 17.33 15.96 -22.83
CA TRP B 43 17.12 16.65 -24.09
C TRP B 43 16.28 17.90 -23.91
N LEU B 44 15.28 17.82 -23.03
CA LEU B 44 14.45 18.98 -22.73
C LEU B 44 15.28 20.09 -22.11
N ARG B 45 16.16 19.72 -21.19
CA ARG B 45 17.05 20.68 -20.55
C ARG B 45 18.03 21.27 -21.56
N ARG B 46 18.40 20.45 -22.54
CA ARG B 46 19.37 20.85 -23.56
C ARG B 46 18.75 21.72 -24.65
N PHE B 47 17.45 21.53 -24.88
CA PHE B 47 16.75 22.27 -25.93
C PHE B 47 16.05 23.52 -25.40
N GLY B 48 16.21 23.79 -24.10
CA GLY B 48 15.69 25.02 -23.51
C GLY B 48 14.46 24.86 -22.65
N PHE B 49 13.81 23.70 -22.73
CA PHE B 49 12.64 23.43 -21.91
C PHE B 49 13.04 23.27 -20.44
N SER B 50 12.09 23.48 -19.54
CA SER B 50 12.35 23.30 -18.12
C SER B 50 11.34 22.33 -17.51
N PRO B 51 11.61 21.02 -17.62
CA PRO B 51 10.70 19.99 -17.13
C PRO B 51 10.88 19.67 -15.65
N VAL B 52 10.03 18.78 -15.14
CA VAL B 52 10.13 18.34 -13.76
C VAL B 52 9.92 16.83 -13.66
N LEU B 53 10.90 16.14 -13.07
CA LEU B 53 10.84 14.70 -12.94
C LEU B 53 10.26 14.29 -11.59
N ILE B 54 9.32 13.35 -11.60
CA ILE B 54 8.70 12.86 -10.38
C ILE B 54 8.91 11.37 -10.23
N GLU B 55 8.70 10.86 -9.02
CA GLU B 55 9.00 9.46 -8.72
C GLU B 55 8.04 8.89 -7.68
N LYS B 56 7.66 7.64 -7.86
CA LYS B 56 6.84 6.94 -6.88
C LYS B 56 7.67 6.42 -5.72
N TYR B 57 8.83 5.85 -6.05
CA TYR B 57 9.74 5.29 -5.04
C TYR B 57 10.61 6.37 -4.41
N ALA B 58 10.72 6.35 -3.09
CA ALA B 58 11.42 7.40 -2.35
C ALA B 58 12.86 7.62 -2.82
N SER B 59 13.46 6.60 -3.43
CA SER B 59 14.80 6.72 -3.98
C SER B 59 14.85 6.15 -5.40
N ILE B 60 15.82 6.59 -6.19
CA ILE B 60 16.01 6.06 -7.54
C ILE B 60 16.26 4.56 -7.47
N ARG B 61 15.64 3.80 -8.35
CA ARG B 61 15.77 2.35 -8.31
C ARG B 61 16.92 1.90 -9.19
N LYS B 62 17.99 1.43 -8.54
CA LYS B 62 19.20 1.02 -9.25
C LYS B 62 19.18 -0.48 -9.49
N GLY B 63 18.09 -1.11 -9.08
CA GLY B 63 17.90 -2.53 -9.32
C GLY B 63 17.74 -2.82 -10.79
N GLY B 64 18.45 -3.83 -11.28
CA GLY B 64 18.34 -4.23 -12.67
C GLY B 64 19.48 -5.13 -13.07
N GLN B 65 19.34 -5.78 -14.23
CA GLN B 65 20.39 -6.65 -14.73
C GLN B 65 21.24 -5.89 -15.74
N ALA B 66 22.20 -6.58 -16.35
CA ALA B 66 23.08 -5.93 -17.31
C ALA B 66 22.32 -5.60 -18.59
N LEU B 67 22.32 -4.32 -18.96
CA LEU B 67 21.64 -3.88 -20.18
C LEU B 67 22.66 -3.68 -21.29
N ASP B 68 22.17 -3.32 -22.47
CA ASP B 68 23.03 -3.19 -23.63
C ASP B 68 22.73 -1.93 -24.44
N VAL B 69 23.75 -1.13 -24.69
CA VAL B 69 23.62 0.02 -25.58
C VAL B 69 24.08 -0.38 -26.98
N ARG B 70 23.14 -0.44 -27.91
CA ARG B 70 23.45 -0.88 -29.27
C ARG B 70 23.06 0.15 -30.32
N GLY B 71 23.36 -0.18 -31.56
CA GLY B 71 22.85 0.54 -32.72
C GLY B 71 22.99 2.05 -32.67
N ILE B 72 21.89 2.72 -32.95
CA ILE B 72 21.85 4.18 -32.96
C ILE B 72 21.82 4.73 -31.54
N ALA B 73 21.54 3.86 -30.58
CA ALA B 73 21.46 4.27 -29.18
C ALA B 73 22.82 4.73 -28.65
N THR B 74 23.88 4.01 -29.03
CA THR B 74 25.23 4.36 -28.61
C THR B 74 25.62 5.74 -29.15
N HIS B 75 25.15 6.04 -30.35
CA HIS B 75 25.41 7.33 -30.98
C HIS B 75 24.74 8.45 -30.20
N ILE B 76 23.54 8.16 -29.67
CA ILE B 76 22.83 9.12 -28.85
C ILE B 76 23.56 9.33 -27.52
N ALA B 77 24.08 8.24 -26.97
CA ALA B 77 24.80 8.28 -25.70
C ALA B 77 26.05 9.15 -25.80
N ARG B 78 26.77 8.99 -26.89
CA ARG B 78 27.99 9.77 -27.11
C ARG B 78 27.66 11.24 -27.29
N GLU B 79 26.53 11.51 -27.94
CA GLU B 79 26.07 12.87 -28.16
C GLU B 79 25.66 13.51 -26.83
N MET B 80 25.19 12.69 -25.90
CA MET B 80 24.79 13.16 -24.59
C MET B 80 26.01 13.43 -23.71
N GLY B 81 27.14 12.85 -24.08
CA GLY B 81 28.39 13.06 -23.37
C GLY B 81 28.62 12.06 -22.25
N ILE B 82 27.68 11.14 -22.08
CA ILE B 82 27.78 10.15 -21.01
C ILE B 82 28.37 8.82 -21.48
N TYR B 83 28.76 8.75 -22.75
CA TYR B 83 29.23 7.48 -23.32
C TYR B 83 30.48 6.96 -22.65
N ASP B 84 31.42 7.85 -22.36
CA ASP B 84 32.66 7.45 -21.69
C ASP B 84 32.36 6.98 -20.26
N GLN B 85 31.40 7.64 -19.61
CA GLN B 85 30.99 7.26 -18.27
C GLN B 85 30.36 5.86 -18.28
N ILE B 86 29.71 5.53 -19.40
CA ILE B 86 29.12 4.21 -19.57
C ILE B 86 30.19 3.13 -19.68
N CYS B 87 31.19 3.38 -20.52
CA CYS B 87 32.30 2.43 -20.70
C CYS B 87 33.07 2.26 -19.39
N GLU B 88 33.08 3.30 -18.56
CA GLU B 88 33.73 3.24 -17.26
C GLU B 88 33.00 2.26 -16.35
N MET B 89 31.67 2.26 -16.45
CA MET B 89 30.82 1.39 -15.63
C MET B 89 30.46 0.10 -16.35
N ARG B 90 31.03 -0.11 -17.52
CA ARG B 90 30.70 -1.28 -18.35
C ARG B 90 30.85 -2.58 -17.58
N THR B 91 29.94 -3.52 -17.83
CA THR B 91 29.94 -4.80 -17.14
C THR B 91 31.22 -5.58 -17.44
N ARG B 92 31.91 -5.98 -16.37
CA ARG B 92 33.14 -6.75 -16.53
C ARG B 92 33.00 -8.16 -15.97
N ILE B 93 32.94 -9.14 -16.86
CA ILE B 93 32.97 -10.54 -16.46
C ILE B 93 33.93 -11.30 -17.36
N GLU B 94 34.99 -11.83 -16.77
CA GLU B 94 36.00 -12.56 -17.53
C GLU B 94 35.63 -14.02 -17.65
N ARG B 95 34.62 -14.43 -16.91
CA ARG B 95 34.20 -15.83 -16.88
C ARG B 95 32.71 -15.98 -16.60
N GLY B 96 32.15 -17.07 -17.10
CA GLY B 96 30.79 -17.46 -16.78
C GLY B 96 30.69 -18.97 -16.94
N ARG B 97 29.75 -19.58 -16.23
CA ARG B 97 29.61 -21.03 -16.29
C ARG B 97 28.16 -21.47 -16.21
N PHE B 98 27.80 -22.42 -17.06
CA PHE B 98 26.46 -22.98 -17.09
C PHE B 98 26.46 -24.36 -16.43
N VAL B 99 25.77 -24.48 -15.30
CA VAL B 99 25.74 -25.74 -14.56
C VAL B 99 24.32 -26.27 -14.39
N ASP B 100 24.22 -27.43 -13.78
CA ASP B 100 22.93 -28.04 -13.48
C ASP B 100 22.62 -27.91 -12.00
N SER B 101 21.51 -28.50 -11.58
CA SER B 101 21.13 -28.52 -10.17
C SER B 101 22.20 -29.23 -9.34
N SER B 102 23.01 -30.04 -10.01
CA SER B 102 24.14 -30.70 -9.36
C SER B 102 25.23 -29.70 -9.04
N GLY B 103 25.42 -28.73 -9.92
CA GLY B 103 26.40 -27.68 -9.71
C GLY B 103 27.62 -27.79 -10.61
N LYS B 104 27.80 -28.97 -11.22
CA LYS B 104 28.91 -29.16 -12.15
C LYS B 104 28.56 -28.55 -13.50
N VAL B 105 29.57 -28.01 -14.18
CA VAL B 105 29.34 -27.28 -15.42
C VAL B 105 28.80 -28.16 -16.54
N LEU B 106 27.64 -27.77 -17.08
CA LEU B 106 27.11 -28.41 -18.29
C LEU B 106 27.77 -27.81 -19.52
N HIS B 107 28.07 -26.52 -19.44
CA HIS B 107 28.70 -25.79 -20.54
C HIS B 107 29.60 -24.68 -20.00
N GLU B 108 30.62 -24.33 -20.78
CA GLU B 108 31.60 -23.32 -20.35
C GLU B 108 31.64 -22.10 -21.27
N GLU B 109 31.54 -20.92 -20.67
CA GLU B 109 31.71 -19.66 -21.40
C GLU B 109 31.49 -18.46 -20.48
N ASP B 120 30.43 -2.40 -31.55
CA ASP B 120 30.54 -1.12 -30.88
C ASP B 120 29.62 -1.04 -29.67
N GLU B 121 28.77 -2.05 -29.53
CA GLU B 121 27.83 -2.11 -28.41
C GLU B 121 28.57 -2.14 -27.07
N VAL B 122 27.98 -1.50 -26.07
CA VAL B 122 28.57 -1.46 -24.73
C VAL B 122 27.52 -1.81 -23.67
N GLU B 123 27.76 -2.90 -22.94
CA GLU B 123 26.82 -3.36 -21.93
C GLU B 123 27.15 -2.80 -20.54
N ILE B 124 26.11 -2.41 -19.81
CA ILE B 124 26.27 -1.91 -18.45
C ILE B 124 25.07 -2.30 -17.60
N LEU B 125 25.29 -2.42 -16.29
CA LEU B 125 24.19 -2.69 -15.36
C LEU B 125 23.19 -1.55 -15.40
N ARG B 126 21.91 -1.88 -15.35
CA ARG B 126 20.85 -0.88 -15.42
C ARG B 126 20.99 0.17 -14.33
N GLY B 127 21.30 -0.28 -13.13
CA GLY B 127 21.49 0.61 -12.00
C GLY B 127 22.64 1.56 -12.23
N ASP B 128 23.65 1.10 -12.97
CA ASP B 128 24.80 1.92 -13.31
C ASP B 128 24.45 2.93 -14.40
N LEU B 129 23.51 2.56 -15.27
CA LEU B 129 23.09 3.42 -16.38
C LEU B 129 22.17 4.53 -15.89
N VAL B 130 21.31 4.21 -14.93
CA VAL B 130 20.38 5.19 -14.38
C VAL B 130 21.11 6.24 -13.56
N GLU B 131 22.18 5.81 -12.87
CA GLU B 131 23.00 6.72 -12.08
C GLU B 131 23.66 7.77 -12.98
N ILE B 132 24.07 7.33 -14.17
CA ILE B 132 24.70 8.22 -15.13
C ILE B 132 23.70 9.21 -15.68
N LEU B 133 22.51 8.71 -16.04
CA LEU B 133 21.47 9.55 -16.61
C LEU B 133 20.96 10.58 -15.62
N MET B 134 20.98 10.21 -14.33
CA MET B 134 20.49 11.11 -13.29
C MET B 134 21.50 12.20 -12.94
N LYS B 135 22.76 11.97 -13.29
CA LYS B 135 23.81 12.95 -13.02
C LYS B 135 23.80 14.10 -14.02
N THR B 136 23.31 13.84 -15.22
CA THR B 136 23.26 14.84 -16.27
C THR B 136 22.10 15.81 -16.09
N ILE B 137 21.01 15.31 -15.52
CA ILE B 137 19.78 16.08 -15.33
C ILE B 137 19.72 16.76 -13.96
N ALA B 138 20.84 16.70 -13.24
CA ALA B 138 20.90 17.18 -11.86
C ALA B 138 20.32 18.58 -11.66
N ASP B 139 20.34 19.40 -12.72
CA ASP B 139 19.66 20.68 -12.67
C ASP B 139 18.15 20.48 -12.52
N VAL B 140 17.63 19.48 -13.23
CA VAL B 140 16.20 19.22 -13.25
C VAL B 140 15.66 18.84 -11.88
N PRO B 141 14.62 19.54 -11.42
CA PRO B 141 13.96 19.26 -10.13
C PRO B 141 13.37 17.85 -10.08
N CYS B 142 13.54 17.17 -8.95
CA CYS B 142 13.04 15.81 -8.82
C CYS B 142 12.42 15.58 -7.44
N TYR B 143 11.20 15.04 -7.45
CA TYR B 143 10.48 14.72 -6.22
C TYR B 143 10.12 13.23 -6.21
N PHE B 144 10.65 12.50 -5.24
CA PHE B 144 10.65 11.04 -5.29
C PHE B 144 9.46 10.33 -4.63
N ASN B 145 8.64 11.06 -3.90
CA ASN B 145 7.49 10.40 -3.27
C ASN B 145 6.17 10.60 -4.02
N GLN B 146 6.22 11.32 -5.14
CA GLN B 146 4.99 11.75 -5.81
C GLN B 146 4.42 10.72 -6.80
N SER B 147 3.10 10.53 -6.76
CA SER B 147 2.41 9.65 -7.68
C SER B 147 1.08 10.25 -8.11
N ILE B 148 0.63 9.91 -9.33
CA ILE B 148 -0.57 10.52 -9.89
C ILE B 148 -1.82 9.66 -9.69
N ILE B 149 -2.74 10.13 -8.87
CA ILE B 149 -4.03 9.47 -8.71
C ILE B 149 -4.99 9.86 -9.83
N SER B 150 -4.97 11.14 -10.21
CA SER B 150 -5.86 11.66 -11.24
C SER B 150 -5.14 12.57 -12.23
N ILE B 151 -5.32 12.31 -13.51
CA ILE B 151 -4.80 13.16 -14.56
C ILE B 151 -5.84 13.39 -15.64
N GLU B 152 -6.21 14.64 -15.86
CA GLU B 152 -7.18 14.98 -16.89
C GLU B 152 -6.70 16.13 -17.75
N GLN B 153 -7.37 16.35 -18.87
CA GLN B 153 -6.81 17.21 -19.91
C GLN B 153 -7.86 17.93 -20.76
N ASN B 154 -7.45 19.08 -21.31
CA ASN B 154 -8.23 19.80 -22.31
C ASN B 154 -7.30 20.49 -23.29
N ALA B 155 -7.83 21.36 -24.13
CA ALA B 155 -7.02 22.08 -25.12
C ALA B 155 -6.06 23.06 -24.47
N ASP B 156 -6.48 23.63 -23.34
CA ASP B 156 -5.67 24.65 -22.65
C ASP B 156 -4.51 24.07 -21.83
N ASN B 157 -4.79 23.04 -21.03
CA ASN B 157 -3.77 22.50 -20.13
C ASN B 157 -3.99 21.05 -19.72
N VAL B 158 -3.14 20.56 -18.82
CA VAL B 158 -3.27 19.22 -18.28
C VAL B 158 -3.31 19.28 -16.75
N THR B 159 -4.44 18.93 -16.17
CA THR B 159 -4.59 18.96 -14.72
C THR B 159 -4.17 17.63 -14.11
N VAL B 160 -3.47 17.70 -12.98
CA VAL B 160 -2.95 16.50 -12.34
C VAL B 160 -3.12 16.54 -10.83
N ILE B 161 -3.60 15.43 -10.27
CA ILE B 161 -3.81 15.31 -8.84
C ILE B 161 -2.86 14.29 -8.23
N PHE B 162 -2.09 14.73 -7.25
CA PHE B 162 -1.10 13.88 -6.58
C PHE B 162 -1.68 13.24 -5.32
N MET B 163 -1.23 12.02 -5.03
CA MET B 163 -1.73 11.24 -3.90
C MET B 163 -1.58 11.97 -2.56
N ASP B 164 -0.73 12.97 -2.52
CA ASP B 164 -0.51 13.74 -1.30
C ASP B 164 -1.57 14.81 -1.12
N GLY B 165 -2.52 14.85 -2.04
CA GLY B 165 -3.63 15.81 -1.98
C GLY B 165 -3.27 17.14 -2.60
N ARG B 166 -2.37 17.11 -3.56
CA ARG B 166 -1.88 18.33 -4.20
C ARG B 166 -2.27 18.38 -5.67
N ILE B 167 -2.77 19.54 -6.11
CA ILE B 167 -3.21 19.70 -7.49
C ILE B 167 -2.22 20.53 -8.29
N GLU B 168 -1.96 20.10 -9.53
CA GLU B 168 -1.00 20.78 -10.39
C GLU B 168 -1.47 20.81 -11.84
N GLN B 169 -1.25 21.94 -12.50
CA GLN B 169 -1.60 22.09 -13.91
C GLN B 169 -0.36 22.35 -14.75
N TYR B 170 -0.14 21.51 -15.76
CA TYR B 170 1.03 21.62 -16.62
C TYR B 170 0.63 21.79 -18.08
N ASP B 171 1.57 22.31 -18.88
CA ASP B 171 1.34 22.51 -20.31
C ASP B 171 1.46 21.20 -21.08
N LEU B 172 2.44 20.39 -20.69
CA LEU B 172 2.65 19.08 -21.30
C LEU B 172 3.04 18.05 -20.25
N VAL B 173 2.63 16.82 -20.46
CA VAL B 173 3.02 15.74 -19.56
C VAL B 173 3.62 14.57 -20.32
N ILE B 174 4.91 14.33 -20.10
CA ILE B 174 5.58 13.18 -20.70
C ILE B 174 5.82 12.12 -19.63
N ALA B 175 5.09 11.01 -19.74
CA ALA B 175 5.13 9.99 -18.70
C ALA B 175 5.75 8.68 -19.16
N ALA B 176 6.83 8.28 -18.48
CA ALA B 176 7.36 6.95 -18.67
C ALA B 176 7.17 6.15 -17.38
N ASP B 177 6.19 5.24 -17.40
CA ASP B 177 5.87 4.42 -16.24
C ASP B 177 6.45 3.02 -16.35
N GLY B 178 7.13 2.75 -17.46
CA GLY B 178 7.59 1.40 -17.75
C GLY B 178 6.51 0.62 -18.48
N ILE B 179 6.51 -0.70 -18.30
CA ILE B 179 5.52 -1.55 -18.96
C ILE B 179 4.12 -1.30 -18.43
N HIS B 180 4.01 -1.02 -17.14
CA HIS B 180 2.73 -0.67 -16.54
C HIS B 180 2.66 0.83 -16.35
N SER B 181 1.84 1.50 -17.15
CA SER B 181 1.74 2.95 -17.10
C SER B 181 0.36 3.40 -16.63
N ALA B 182 0.30 3.97 -15.44
CA ALA B 182 -0.94 4.50 -14.91
C ALA B 182 -1.46 5.62 -15.81
N ILE B 183 -0.54 6.45 -16.29
CA ILE B 183 -0.90 7.55 -17.17
C ILE B 183 -1.49 7.03 -18.47
N ARG B 184 -0.88 5.99 -19.01
CA ARG B 184 -1.35 5.36 -20.23
C ARG B 184 -2.76 4.80 -20.05
N ARG B 185 -3.04 4.28 -18.85
CA ARG B 185 -4.31 3.68 -18.55
C ARG B 185 -5.40 4.72 -18.28
N MET B 186 -5.00 5.86 -17.73
CA MET B 186 -5.94 6.91 -17.36
C MET B 186 -6.30 7.81 -18.53
N ILE B 187 -5.54 7.70 -19.62
CA ILE B 187 -5.74 8.54 -20.79
C ILE B 187 -6.37 7.76 -21.94
N PHE B 188 -5.62 6.78 -22.46
CA PHE B 188 -6.09 6.00 -23.60
C PHE B 188 -7.14 4.97 -23.19
N GLU B 189 -8.11 4.74 -24.07
CA GLU B 189 -9.14 3.74 -23.85
C GLU B 189 -8.62 2.32 -24.08
N LYS B 190 -9.32 1.35 -23.51
CA LYS B 190 -8.88 -0.04 -23.51
C LYS B 190 -8.57 -0.61 -24.90
N ASN B 191 -9.25 -0.10 -25.93
CA ASN B 191 -9.05 -0.60 -27.29
C ASN B 191 -7.98 0.16 -28.05
N GLU B 192 -7.44 1.21 -27.43
CA GLU B 192 -6.35 1.98 -28.03
C GLU B 192 -5.01 1.32 -27.77
N TYR B 193 -4.97 0.41 -26.80
CA TYR B 193 -3.74 -0.29 -26.44
C TYR B 193 -4.00 -1.74 -26.02
N GLN B 194 -3.10 -2.62 -26.42
CA GLN B 194 -3.18 -4.03 -26.03
C GLN B 194 -1.82 -4.52 -25.55
N LEU B 195 -1.74 -4.96 -24.31
CA LEU B 195 -0.49 -5.46 -23.75
C LEU B 195 -0.38 -6.97 -23.95
N ILE B 196 0.55 -7.37 -24.79
CA ILE B 196 0.73 -8.78 -25.13
C ILE B 196 1.65 -9.49 -24.16
N HIS B 197 1.16 -10.60 -23.59
CA HIS B 197 1.97 -11.43 -22.70
C HIS B 197 2.72 -12.47 -23.52
N LEU B 198 4.05 -12.46 -23.40
CA LEU B 198 4.89 -13.35 -24.20
C LEU B 198 5.02 -14.73 -23.56
N GLY B 199 4.34 -14.91 -22.43
CA GLY B 199 4.30 -16.20 -21.77
C GLY B 199 5.54 -16.48 -20.94
N ALA B 200 6.20 -15.43 -20.49
CA ALA B 200 7.41 -15.57 -19.69
C ALA B 200 7.45 -14.50 -18.59
N TYR B 201 8.13 -14.82 -17.50
CA TYR B 201 8.33 -13.86 -16.42
C TYR B 201 9.81 -13.55 -16.24
N LEU B 202 10.11 -12.63 -15.34
CA LEU B 202 11.49 -12.20 -15.10
C LEU B 202 11.63 -11.53 -13.74
N SER B 203 12.87 -11.48 -13.23
CA SER B 203 13.16 -10.74 -12.01
C SER B 203 14.64 -10.80 -11.65
N THR B 204 15.07 -9.81 -10.85
CA THR B 204 16.44 -9.74 -10.36
C THR B 204 16.49 -8.97 -9.05
N PHE B 205 17.40 -9.34 -8.17
CA PHE B 205 17.67 -8.56 -6.96
C PHE B 205 19.05 -8.86 -6.41
N THR B 206 19.58 -7.94 -5.61
CA THR B 206 20.95 -8.07 -5.12
C THR B 206 21.02 -8.50 -3.67
N ILE B 207 21.88 -9.47 -3.40
CA ILE B 207 22.19 -9.90 -2.04
C ILE B 207 23.68 -10.13 -1.93
N PRO B 208 24.21 -10.15 -0.69
CA PRO B 208 25.63 -10.49 -0.50
C PRO B 208 25.89 -11.87 -1.07
N ASN B 209 27.09 -12.11 -1.60
CA ASN B 209 27.38 -13.42 -2.16
C ASN B 209 28.01 -14.33 -1.10
N TYR B 210 27.24 -15.33 -0.68
CA TYR B 210 27.75 -16.30 0.27
C TYR B 210 28.68 -17.23 -0.48
N LEU B 211 28.56 -17.21 -1.80
CA LEU B 211 29.51 -17.88 -2.68
C LEU B 211 30.80 -17.08 -2.71
N GLY B 212 30.68 -15.77 -2.48
CA GLY B 212 31.82 -14.88 -2.56
C GLY B 212 32.42 -14.91 -3.96
N LEU B 213 31.58 -15.19 -4.94
CA LEU B 213 32.02 -15.32 -6.33
C LEU B 213 32.51 -13.99 -6.87
N SER B 214 33.44 -14.05 -7.82
CA SER B 214 34.05 -12.84 -8.38
C SER B 214 34.07 -12.86 -9.91
N HIS B 215 33.36 -11.91 -10.51
CA HIS B 215 33.34 -11.74 -11.96
C HIS B 215 32.99 -13.02 -12.71
N ILE B 216 31.88 -13.65 -12.32
CA ILE B 216 31.43 -14.88 -12.96
C ILE B 216 29.92 -14.92 -13.07
N ASP B 217 29.41 -15.49 -14.16
CA ASP B 217 27.98 -15.62 -14.36
C ASP B 217 27.56 -17.09 -14.32
N LEU B 218 26.78 -17.44 -13.30
CA LEU B 218 26.28 -18.80 -13.16
C LEU B 218 24.88 -18.95 -13.73
N GLU B 219 24.64 -20.06 -14.43
CA GLU B 219 23.34 -20.32 -15.03
C GLU B 219 22.89 -21.76 -14.76
N CYS B 220 21.61 -21.92 -14.42
CA CYS B 220 21.05 -23.24 -14.16
C CYS B 220 19.77 -23.44 -14.98
N GLU B 221 19.77 -24.43 -15.87
CA GLU B 221 18.65 -24.63 -16.77
C GLU B 221 17.87 -25.92 -16.54
N ALA B 222 16.62 -25.75 -16.10
CA ALA B 222 15.61 -26.79 -16.23
C ALA B 222 14.57 -26.24 -17.19
N ASN B 223 14.09 -27.06 -18.12
CA ASN B 223 13.32 -26.55 -19.26
C ASN B 223 12.17 -25.63 -18.84
N ASN B 224 12.12 -24.48 -19.50
CA ASN B 224 11.13 -23.42 -19.23
C ASN B 224 11.45 -22.61 -17.97
N LYS B 225 12.50 -22.97 -17.25
CA LYS B 225 12.93 -22.22 -16.08
C LYS B 225 14.41 -21.86 -16.14
N LEU B 226 14.78 -20.75 -15.50
CA LEU B 226 16.15 -20.25 -15.53
C LEU B 226 16.52 -19.51 -14.25
N VAL B 227 17.80 -19.57 -13.88
CA VAL B 227 18.28 -18.88 -12.68
C VAL B 227 19.62 -18.19 -12.96
N SER B 228 19.68 -16.88 -12.68
CA SER B 228 20.87 -16.10 -12.95
C SER B 228 21.50 -15.55 -11.67
N ILE B 229 22.72 -15.98 -11.38
CA ILE B 229 23.45 -15.52 -10.20
C ILE B 229 24.87 -15.10 -10.54
N ASN B 230 25.22 -13.87 -10.21
CA ASN B 230 26.55 -13.33 -10.49
C ASN B 230 26.92 -12.18 -9.55
N SER B 231 28.20 -11.85 -9.49
CA SER B 231 28.69 -10.81 -8.59
C SER B 231 29.26 -9.61 -9.37
N ASP B 232 30.30 -9.86 -10.15
CA ASP B 232 30.99 -8.80 -10.90
C ASP B 232 31.60 -7.79 -9.94
N ASN B 233 31.38 -6.50 -10.22
CA ASN B 233 31.91 -5.44 -9.37
C ASN B 233 31.22 -5.44 -8.02
N ASN B 234 31.87 -4.85 -7.03
CA ASN B 234 31.34 -4.86 -5.67
C ASN B 234 31.10 -6.28 -5.17
N PRO B 235 32.19 -7.01 -4.89
CA PRO B 235 32.14 -8.40 -4.42
C PRO B 235 31.29 -8.54 -3.16
N GLU B 236 31.00 -7.42 -2.50
CA GLU B 236 30.15 -7.43 -1.32
C GLU B 236 28.75 -7.96 -1.62
N ILE B 237 28.33 -7.87 -2.87
CA ILE B 237 26.99 -8.31 -3.26
C ILE B 237 27.00 -9.14 -4.53
N ALA B 238 25.89 -9.82 -4.79
CA ALA B 238 25.72 -10.62 -6.01
C ALA B 238 24.35 -10.36 -6.63
N ARG B 239 24.30 -10.35 -7.95
CA ARG B 239 23.05 -10.05 -8.66
C ARG B 239 22.28 -11.32 -8.99
N ALA B 240 21.16 -11.52 -8.32
CA ALA B 240 20.29 -12.66 -8.61
C ALA B 240 19.38 -12.36 -9.79
N GLY B 241 18.96 -13.41 -10.49
CA GLY B 241 17.97 -13.26 -11.55
C GLY B 241 17.19 -14.55 -11.77
N PHE B 242 15.95 -14.40 -12.24
CA PHE B 242 15.05 -15.54 -12.44
C PHE B 242 14.24 -15.38 -13.73
N MET B 243 14.25 -16.39 -14.58
CA MET B 243 13.42 -16.39 -15.77
C MET B 243 12.69 -17.73 -15.92
N PHE B 244 11.36 -17.69 -15.84
CA PHE B 244 10.57 -18.90 -15.94
C PHE B 244 9.28 -18.64 -16.71
N ARG B 245 8.92 -19.57 -17.58
CA ARG B 245 7.72 -19.44 -18.39
C ARG B 245 6.48 -19.80 -17.59
N SER B 246 5.52 -18.88 -17.53
CA SER B 246 4.28 -19.10 -16.81
C SER B 246 3.10 -18.43 -17.52
N GLN B 247 1.97 -19.13 -17.56
CA GLN B 247 0.74 -18.58 -18.13
C GLN B 247 -0.11 -17.95 -17.04
N HIS B 248 0.42 -17.92 -15.82
CA HIS B 248 -0.29 -17.42 -14.66
C HIS B 248 -0.40 -15.90 -14.71
N LEU B 249 -1.11 -15.32 -13.74
CA LEU B 249 -1.31 -13.88 -13.65
C LEU B 249 -1.52 -13.48 -12.19
N LEU B 250 -1.33 -12.21 -11.89
CA LEU B 250 -1.43 -11.73 -10.50
C LEU B 250 -2.70 -10.92 -10.27
N ASN B 251 -3.24 -11.03 -9.05
CA ASN B 251 -4.36 -10.20 -8.64
C ASN B 251 -3.99 -8.72 -8.74
N ASP B 252 -2.85 -8.37 -8.13
CA ASP B 252 -2.28 -7.03 -8.28
C ASP B 252 -0.81 -7.17 -8.69
N ILE B 253 -0.49 -6.71 -9.89
CA ILE B 253 0.85 -6.84 -10.44
C ILE B 253 1.87 -5.99 -9.67
N ARG B 254 1.41 -4.88 -9.10
CA ARG B 254 2.28 -3.97 -8.38
C ARG B 254 2.43 -4.37 -6.91
N ASP B 255 1.72 -5.43 -6.51
CA ASP B 255 1.82 -5.92 -5.14
C ASP B 255 3.08 -6.76 -5.00
N GLU B 256 3.98 -6.34 -4.11
CA GLU B 256 5.26 -7.00 -3.95
C GLU B 256 5.15 -8.32 -3.20
N GLN B 257 4.05 -8.48 -2.46
CA GLN B 257 3.81 -9.72 -1.73
C GLN B 257 3.59 -10.88 -2.68
N GLU B 258 2.78 -10.64 -3.72
CA GLU B 258 2.53 -11.66 -4.74
C GLU B 258 3.74 -11.84 -5.63
N GLN B 259 4.64 -10.85 -5.62
CA GLN B 259 5.88 -10.94 -6.38
C GLN B 259 6.85 -11.91 -5.70
N LYS B 260 6.96 -11.79 -4.38
CA LYS B 260 7.88 -12.59 -3.61
C LYS B 260 7.34 -14.01 -3.38
N GLN B 261 6.03 -14.11 -3.21
CA GLN B 261 5.40 -15.39 -2.89
C GLN B 261 5.24 -16.28 -4.13
N PHE B 262 4.83 -15.68 -5.24
CA PHE B 262 4.57 -16.44 -6.47
C PHE B 262 5.83 -17.11 -7.02
N LEU B 263 6.95 -16.41 -6.93
CA LEU B 263 8.20 -16.92 -7.48
C LEU B 263 8.72 -18.11 -6.69
N ARG B 264 8.45 -18.11 -5.38
CA ARG B 264 8.89 -19.21 -4.52
C ARG B 264 8.13 -20.49 -4.82
N ASP B 265 6.88 -20.34 -5.25
CA ASP B 265 6.02 -21.48 -5.52
C ASP B 265 6.45 -22.24 -6.78
N THR B 266 6.75 -21.51 -7.84
CA THR B 266 7.15 -22.11 -9.11
C THR B 266 8.52 -22.76 -9.02
N PHE B 267 9.36 -22.24 -8.12
CA PHE B 267 10.73 -22.70 -7.98
C PHE B 267 10.92 -23.74 -6.88
N ARG B 268 9.83 -24.19 -6.26
CA ARG B 268 9.91 -25.18 -5.18
C ARG B 268 10.66 -26.43 -5.61
N ASP B 269 11.70 -26.78 -4.85
CA ASP B 269 12.55 -27.93 -5.13
C ASP B 269 13.03 -27.93 -6.59
N PHE B 270 13.25 -26.75 -7.13
CA PHE B 270 13.82 -26.63 -8.48
C PHE B 270 15.25 -27.14 -8.46
N GLY B 271 16.03 -26.63 -7.52
CA GLY B 271 17.39 -27.10 -7.34
C GLY B 271 18.36 -26.04 -6.84
N TRP B 272 19.64 -26.38 -6.86
CA TRP B 272 20.71 -25.45 -6.50
C TRP B 272 20.53 -24.85 -5.11
N GLU B 273 20.90 -23.58 -4.96
CA GLU B 273 20.91 -22.88 -3.69
C GLU B 273 19.70 -22.00 -3.46
N THR B 274 18.73 -22.06 -4.38
CA THR B 274 17.61 -21.12 -4.42
C THR B 274 16.98 -20.90 -3.05
N GLN B 275 16.87 -21.96 -2.25
CA GLN B 275 16.30 -21.83 -0.92
C GLN B 275 17.24 -21.00 -0.03
N ASN B 276 18.55 -21.12 -0.25
CA ASN B 276 19.50 -20.19 0.34
C ASN B 276 19.31 -18.81 -0.25
N ILE B 277 18.96 -18.77 -1.53
CA ILE B 277 18.74 -17.53 -2.26
C ILE B 277 17.43 -16.85 -1.86
N LEU B 278 16.35 -17.61 -1.81
CA LEU B 278 15.03 -17.07 -1.51
C LEU B 278 14.89 -16.52 -0.09
N ASN B 279 15.51 -17.20 0.88
CA ASN B 279 15.38 -16.80 2.27
C ASN B 279 16.01 -15.44 2.55
N ARG B 280 17.12 -15.16 1.89
CA ARG B 280 17.82 -13.88 2.05
C ARG B 280 17.09 -12.75 1.32
N MET B 281 16.24 -13.12 0.37
CA MET B 281 15.56 -12.18 -0.52
C MET B 281 14.94 -10.97 0.18
N PRO B 282 14.16 -11.21 1.25
CA PRO B 282 13.51 -10.12 1.98
C PRO B 282 14.49 -9.07 2.50
N GLU B 283 15.76 -9.44 2.61
CA GLU B 283 16.80 -8.54 3.09
C GLU B 283 17.34 -7.66 1.98
N SER B 284 16.83 -7.87 0.76
CA SER B 284 17.29 -7.12 -0.40
C SER B 284 16.32 -6.00 -0.76
N ASN B 285 16.82 -4.78 -0.76
CA ASN B 285 16.02 -3.61 -1.16
C ASN B 285 16.14 -3.35 -2.64
N ASP B 286 17.00 -4.12 -3.30
CA ASP B 286 17.22 -4.00 -4.75
C ASP B 286 16.21 -4.85 -5.51
N PHE B 287 15.31 -5.48 -4.77
CA PHE B 287 14.36 -6.43 -5.33
C PHE B 287 13.55 -5.85 -6.50
N TYR B 288 13.40 -6.66 -7.54
CA TYR B 288 12.61 -6.28 -8.72
C TYR B 288 11.87 -7.48 -9.29
N PHE B 289 10.63 -7.26 -9.69
CA PHE B 289 9.82 -8.30 -10.31
C PHE B 289 8.85 -7.69 -11.30
N ASP B 290 8.55 -8.44 -12.36
CA ASP B 290 7.62 -7.97 -13.38
C ASP B 290 7.41 -9.04 -14.45
N ALA B 291 6.31 -8.91 -15.18
CA ALA B 291 5.98 -9.84 -16.26
C ALA B 291 6.66 -9.41 -17.56
N ILE B 292 7.03 -10.39 -18.38
CA ILE B 292 7.53 -10.06 -19.71
C ILE B 292 6.35 -9.87 -20.66
N THR B 293 6.21 -8.64 -21.15
CA THR B 293 5.13 -8.31 -22.08
C THR B 293 5.58 -7.20 -23.01
N GLN B 294 4.72 -6.86 -23.97
CA GLN B 294 5.02 -5.76 -24.88
C GLN B 294 3.75 -4.96 -25.15
N VAL B 295 3.93 -3.69 -25.52
CA VAL B 295 2.79 -2.80 -25.73
C VAL B 295 2.64 -2.35 -27.18
N LYS B 296 1.56 -2.80 -27.82
CA LYS B 296 1.24 -2.38 -29.18
C LYS B 296 0.26 -1.22 -29.12
N MET B 297 0.60 -0.11 -29.76
CA MET B 297 -0.26 1.06 -29.78
C MET B 297 -0.27 1.74 -31.15
N ASN B 298 -1.45 2.12 -31.61
CA ASN B 298 -1.58 2.85 -32.86
C ASN B 298 -0.89 4.21 -32.78
N SER B 299 -1.27 4.99 -31.78
CA SER B 299 -0.66 6.30 -31.55
C SER B 299 -0.24 6.46 -30.10
N TRP B 300 0.95 7.01 -29.90
CA TRP B 300 1.51 7.17 -28.55
C TRP B 300 1.25 8.54 -27.95
N THR B 301 0.51 9.38 -28.66
CA THR B 301 0.23 10.73 -28.17
C THR B 301 -1.26 11.09 -28.24
N LYS B 302 -1.80 11.60 -27.14
CA LYS B 302 -3.15 12.14 -27.14
C LYS B 302 -3.17 13.54 -26.53
N GLY B 303 -3.45 14.54 -27.36
CA GLY B 303 -3.49 15.92 -26.91
C GLY B 303 -2.16 16.40 -26.36
N ARG B 304 -2.17 16.89 -25.13
CA ARG B 304 -0.97 17.41 -24.49
C ARG B 304 -0.20 16.34 -23.73
N ILE B 305 -0.68 15.11 -23.80
CA ILE B 305 -0.04 13.99 -23.10
C ILE B 305 0.61 13.02 -24.08
N ALA B 306 1.84 12.61 -23.75
CA ALA B 306 2.59 11.69 -24.61
C ALA B 306 3.28 10.60 -23.80
N LEU B 307 3.33 9.40 -24.37
CA LEU B 307 3.97 8.26 -23.71
C LEU B 307 5.40 8.08 -24.21
N VAL B 308 6.34 7.97 -23.27
CA VAL B 308 7.73 7.71 -23.61
C VAL B 308 8.24 6.50 -22.83
N GLY B 309 9.18 5.77 -23.42
CA GLY B 309 9.71 4.57 -22.80
C GLY B 309 8.81 3.38 -23.01
N ASP B 310 8.93 2.38 -22.14
CA ASP B 310 8.18 1.14 -22.29
C ASP B 310 6.67 1.36 -22.14
N ALA B 311 6.27 2.56 -21.75
CA ALA B 311 4.85 2.86 -21.60
C ALA B 311 4.14 2.66 -22.94
N GLY B 312 4.54 3.40 -23.95
CA GLY B 312 4.00 3.21 -25.29
C GLY B 312 4.51 2.06 -26.13
N TYR B 313 5.82 1.98 -26.32
CA TYR B 313 6.40 1.05 -27.30
C TYR B 313 7.02 -0.26 -26.79
N CYS B 314 6.92 -0.55 -25.50
CA CYS B 314 7.79 -1.56 -24.88
C CYS B 314 7.86 -2.90 -25.62
N PRO B 315 9.08 -3.25 -26.07
CA PRO B 315 9.52 -4.46 -26.79
C PRO B 315 9.57 -5.71 -25.91
N SER B 316 9.58 -5.49 -24.59
CA SER B 316 9.76 -6.52 -23.56
C SER B 316 11.24 -6.82 -23.33
N PRO B 317 11.55 -7.39 -22.16
CA PRO B 317 12.93 -7.76 -21.79
C PRO B 317 13.52 -8.81 -22.73
N LEU B 318 12.67 -9.67 -23.27
CA LEU B 318 13.11 -10.73 -24.16
C LEU B 318 13.76 -10.17 -25.42
N SER B 319 13.31 -8.99 -25.83
CA SER B 319 13.89 -8.30 -26.98
C SER B 319 15.27 -7.75 -26.64
N GLY B 320 15.39 -7.19 -25.44
CA GLY B 320 16.64 -6.61 -24.98
C GLY B 320 16.86 -5.20 -25.53
N GLN B 321 16.02 -4.81 -26.49
CA GLN B 321 16.15 -3.50 -27.12
C GLN B 321 15.26 -2.46 -26.45
N GLY B 322 14.58 -2.85 -25.38
CA GLY B 322 13.77 -1.92 -24.63
C GLY B 322 14.59 -0.77 -24.09
N ASN B 323 15.87 -1.05 -23.84
CA ASN B 323 16.80 -0.06 -23.32
C ASN B 323 17.07 1.06 -24.33
N ASN B 324 17.26 0.67 -25.59
CA ASN B 324 17.59 1.63 -26.63
C ASN B 324 16.39 2.43 -27.11
N LEU B 325 15.20 1.83 -27.01
CA LEU B 325 13.97 2.51 -27.41
C LEU B 325 13.76 3.77 -26.58
N ALA B 326 14.18 3.72 -25.32
CA ALA B 326 14.10 4.87 -24.42
C ALA B 326 14.96 6.01 -24.95
N PHE B 327 16.19 5.70 -25.32
CA PHE B 327 17.10 6.69 -25.85
C PHE B 327 16.64 7.23 -27.20
N VAL B 328 16.24 6.33 -28.08
CA VAL B 328 15.75 6.72 -29.39
C VAL B 328 14.42 7.46 -29.27
N GLY B 329 13.63 7.07 -28.28
CA GLY B 329 12.33 7.68 -28.06
C GLY B 329 12.45 9.03 -27.37
N ALA B 330 13.43 9.16 -26.49
CA ALA B 330 13.66 10.40 -25.76
C ALA B 330 14.22 11.48 -26.69
N TYR B 331 15.03 11.05 -27.66
CA TYR B 331 15.66 11.98 -28.59
C TYR B 331 14.64 12.58 -29.56
N ILE B 332 13.85 11.73 -30.18
CA ILE B 332 12.86 12.18 -31.17
C ILE B 332 11.83 13.11 -30.54
N LEU B 333 11.19 12.65 -29.47
CA LEU B 333 10.12 13.40 -28.84
C LEU B 333 10.59 14.78 -28.36
N ALA B 334 11.61 14.81 -27.53
CA ALA B 334 12.16 16.06 -27.02
C ALA B 334 12.66 16.94 -28.15
N GLY B 335 13.15 16.30 -29.22
CA GLY B 335 13.66 17.01 -30.38
C GLY B 335 12.56 17.67 -31.19
N GLU B 336 11.50 16.90 -31.47
CA GLU B 336 10.38 17.41 -32.25
C GLU B 336 9.69 18.58 -31.54
N LEU B 337 9.85 18.64 -30.23
CA LEU B 337 9.21 19.69 -29.43
C LEU B 337 9.82 21.07 -29.70
N LYS B 338 11.14 21.11 -29.91
CA LYS B 338 11.81 22.36 -30.18
C LYS B 338 11.62 22.81 -31.64
N VAL B 339 11.72 21.86 -32.56
CA VAL B 339 11.56 22.16 -33.98
C VAL B 339 10.12 22.59 -34.28
N ALA B 340 9.17 21.93 -33.63
CA ALA B 340 7.75 22.29 -33.75
C ALA B 340 7.54 23.73 -33.28
N ASN B 341 8.36 24.16 -32.33
CA ASN B 341 8.39 25.55 -31.88
C ASN B 341 7.02 26.10 -31.50
N GLY B 342 6.46 25.61 -30.39
CA GLY B 342 5.19 26.12 -29.92
C GLY B 342 3.99 25.31 -30.36
N ASN B 343 4.17 24.48 -31.39
CA ASN B 343 3.10 23.58 -31.81
C ASN B 343 3.39 22.17 -31.32
N TYR B 344 2.65 21.75 -30.29
CA TYR B 344 2.84 20.43 -29.71
C TYR B 344 2.09 19.36 -30.50
N THR B 345 0.98 19.76 -31.10
CA THR B 345 0.13 18.84 -31.84
C THR B 345 0.86 18.25 -33.04
N ARG B 346 1.61 19.09 -33.76
CA ARG B 346 2.37 18.61 -34.91
C ARG B 346 3.64 17.91 -34.46
N ALA B 347 4.18 18.35 -33.33
CA ALA B 347 5.40 17.76 -32.78
C ALA B 347 5.16 16.31 -32.36
N PHE B 348 3.98 16.05 -31.79
CA PHE B 348 3.64 14.72 -31.32
C PHE B 348 3.32 13.76 -32.45
N THR B 349 2.71 14.28 -33.52
CA THR B 349 2.34 13.44 -34.65
C THR B 349 3.58 12.93 -35.38
N ARG B 350 4.58 13.81 -35.53
CA ARG B 350 5.85 13.43 -36.15
C ARG B 350 6.60 12.46 -35.25
N TYR B 351 6.27 12.49 -33.96
CA TYR B 351 6.87 11.59 -32.99
C TYR B 351 6.32 10.17 -33.13
N ASN B 352 5.06 10.07 -33.57
CA ASN B 352 4.42 8.78 -33.80
C ASN B 352 4.90 8.12 -35.09
N ALA B 353 4.98 8.92 -36.15
CA ALA B 353 5.39 8.46 -37.47
C ALA B 353 6.76 7.78 -37.45
N LEU B 354 7.78 8.56 -37.11
CA LEU B 354 9.18 8.12 -37.17
C LEU B 354 9.44 6.79 -36.46
N LEU B 355 8.96 6.67 -35.23
CA LEU B 355 9.26 5.50 -34.40
C LEU B 355 8.45 4.26 -34.75
N ARG B 356 7.33 4.46 -35.46
CA ARG B 356 6.43 3.35 -35.76
C ARG B 356 7.12 2.21 -36.51
N SER B 357 7.98 2.57 -37.45
CA SER B 357 8.72 1.58 -38.22
C SER B 357 9.79 0.93 -37.37
N PHE B 358 10.43 1.72 -36.52
CA PHE B 358 11.51 1.26 -35.65
C PHE B 358 10.98 0.44 -34.48
N VAL B 359 9.83 0.85 -33.95
CA VAL B 359 9.23 0.17 -32.81
C VAL B 359 8.73 -1.23 -33.18
N ASP B 360 8.05 -1.34 -34.31
CA ASP B 360 7.50 -2.62 -34.76
C ASP B 360 8.62 -3.63 -35.04
N ALA B 361 9.69 -3.17 -35.67
CA ALA B 361 10.81 -4.04 -36.01
C ALA B 361 11.40 -4.70 -34.76
N ASN B 362 11.40 -3.97 -33.66
CA ASN B 362 11.90 -4.51 -32.40
C ASN B 362 10.92 -5.47 -31.73
N GLN B 363 9.66 -5.06 -31.68
CA GLN B 363 8.61 -5.88 -31.06
C GLN B 363 8.41 -7.19 -31.81
N LYS B 364 8.49 -7.13 -33.14
CA LYS B 364 8.38 -8.33 -33.96
C LYS B 364 9.54 -9.27 -33.65
N PHE B 365 10.70 -8.68 -33.34
CA PHE B 365 11.85 -9.45 -32.91
C PHE B 365 11.64 -9.99 -31.50
N GLY B 366 10.79 -9.30 -30.74
CA GLY B 366 10.50 -9.69 -29.37
C GLY B 366 9.67 -10.95 -29.26
N VAL B 367 8.74 -11.15 -30.20
CA VAL B 367 7.89 -12.33 -30.19
C VAL B 367 8.64 -13.55 -30.73
N TRP B 368 9.53 -13.32 -31.68
CA TRP B 368 10.30 -14.39 -32.28
C TRP B 368 11.25 -15.02 -31.26
N VAL B 369 11.85 -14.19 -30.41
CA VAL B 369 12.75 -14.68 -29.38
C VAL B 369 11.96 -15.34 -28.26
N SER B 370 10.70 -14.96 -28.11
CA SER B 370 9.83 -15.53 -27.09
C SER B 370 9.55 -17.00 -27.36
N GLU B 371 9.41 -17.34 -28.64
CA GLU B 371 9.16 -18.72 -29.04
C GLU B 371 10.39 -19.60 -28.80
N SER B 372 11.56 -18.96 -28.78
CA SER B 372 12.82 -19.68 -28.59
C SER B 372 13.08 -20.01 -27.12
N PHE B 373 12.67 -19.12 -26.23
CA PHE B 373 12.92 -19.26 -24.80
C PHE B 373 12.34 -20.56 -24.24
N GLU B 386 23.61 -22.60 -30.63
CA GLU B 386 23.42 -23.35 -31.87
C GLU B 386 23.34 -22.39 -33.05
N ARG B 387 22.15 -21.89 -33.32
CA ARG B 387 21.95 -20.92 -34.40
C ARG B 387 22.03 -19.50 -33.87
N SER B 388 22.41 -19.37 -32.60
CA SER B 388 22.47 -18.09 -31.90
C SER B 388 23.16 -17.00 -32.71
N ASN B 389 24.20 -17.37 -33.46
CA ASN B 389 24.89 -16.41 -34.33
C ASN B 389 23.94 -15.72 -35.31
N LYS B 390 22.84 -16.41 -35.64
CA LYS B 390 21.81 -15.84 -36.48
C LYS B 390 21.14 -14.64 -35.80
N ILE B 391 21.16 -14.65 -34.47
CA ILE B 391 20.59 -13.55 -33.69
C ILE B 391 21.39 -12.26 -33.90
N LEU B 392 22.70 -12.39 -34.11
CA LEU B 392 23.56 -11.23 -34.30
C LEU B 392 23.23 -10.46 -35.57
N ALA B 393 22.94 -11.19 -36.65
CA ALA B 393 22.52 -10.59 -37.90
C ALA B 393 21.27 -9.75 -37.68
N MET B 394 20.35 -10.29 -36.89
CA MET B 394 19.17 -9.56 -36.43
C MET B 394 19.55 -8.27 -35.74
N ILE B 395 20.28 -8.41 -34.62
CA ILE B 395 20.68 -7.28 -33.79
C ILE B 395 21.34 -6.17 -34.59
N LYS B 396 22.33 -6.53 -35.40
CA LYS B 396 23.01 -5.55 -36.25
C LYS B 396 22.02 -4.90 -37.21
N SER B 397 21.06 -5.70 -37.70
CA SER B 397 20.08 -5.22 -38.65
C SER B 397 18.95 -4.42 -37.99
N ILE B 398 18.40 -4.95 -36.91
CA ILE B 398 17.23 -4.33 -36.28
C ILE B 398 17.58 -3.25 -35.27
N SER B 399 18.87 -2.95 -35.14
CA SER B 399 19.30 -1.90 -34.23
C SER B 399 19.50 -0.57 -34.95
N ASN B 400 20.46 -0.55 -35.87
CA ASN B 400 20.84 0.65 -36.59
C ASN B 400 19.82 1.10 -37.63
N GLY B 401 18.75 0.32 -37.79
CA GLY B 401 17.84 0.48 -38.91
C GLY B 401 16.98 1.73 -38.92
N ILE B 402 17.22 2.65 -37.99
CA ILE B 402 16.51 3.93 -38.01
C ILE B 402 17.45 5.10 -38.28
N THR B 403 16.96 6.08 -39.05
CA THR B 403 17.74 7.28 -39.35
C THR B 403 17.14 8.50 -38.66
N LEU B 404 17.85 9.00 -37.65
CA LEU B 404 17.36 10.13 -36.85
C LEU B 404 17.85 11.48 -37.38
N PRO B 405 16.94 12.46 -37.44
CA PRO B 405 17.21 13.81 -37.91
C PRO B 405 18.03 14.62 -36.90
N GLN B 406 18.83 15.56 -37.40
CA GLN B 406 19.64 16.41 -36.54
C GLN B 406 18.80 17.46 -35.84
N TYR B 407 19.31 17.98 -34.73
CA TYR B 407 18.63 19.06 -34.01
C TYR B 407 19.62 20.14 -33.60
PA FAD C . -12.52 1.58 14.41
O1A FAD C . -12.76 0.30 15.19
O2A FAD C . -11.36 2.48 14.80
O5B FAD C . -12.41 1.18 12.86
C5B FAD C . -12.14 2.19 11.89
C4B FAD C . -12.53 1.65 10.52
O4B FAD C . -12.41 2.68 9.55
C3B FAD C . -11.65 0.49 10.11
O3B FAD C . -12.42 -0.72 10.01
C2B FAD C . -11.04 0.90 8.78
O2B FAD C . -11.29 -0.08 7.77
C1B FAD C . -11.66 2.23 8.41
N9A FAD C . -10.63 3.26 8.08
C8A FAD C . -9.59 3.63 8.86
N7A FAD C . -8.86 4.59 8.26
C5A FAD C . -9.43 4.87 7.07
C6A FAD C . -9.16 5.79 5.95
N6A FAD C . -8.10 6.64 5.99
N1A FAD C . -10.00 5.75 4.90
C2A FAD C . -11.06 4.92 4.86
N3A FAD C . -11.35 4.06 5.85
C4A FAD C . -10.60 3.98 6.96
N1 FAD C . -9.76 -2.42 20.67
C2 FAD C . -9.46 -3.24 21.71
O2 FAD C . -9.51 -2.77 22.86
N3 FAD C . -9.14 -4.53 21.55
C4 FAD C . -9.07 -5.09 20.34
O4 FAD C . -8.76 -6.30 20.22
C4X FAD C . -9.37 -4.28 19.15
N5 FAD C . -9.32 -4.78 17.90
C5X FAD C . -9.60 -4.00 16.83
C6 FAD C . -9.54 -4.58 15.57
C7 FAD C . -9.82 -3.83 14.45
C7M FAD C . -9.74 -4.47 13.08
C8 FAD C . -10.19 -2.39 14.60
C8M FAD C . -10.50 -1.54 13.39
C9 FAD C . -10.26 -1.81 15.87
C9A FAD C . -9.98 -2.57 17.00
N10 FAD C . -10.02 -2.02 18.31
C10 FAD C . -9.72 -2.87 19.40
C1' FAD C . -10.38 -0.63 18.62
C2' FAD C . -11.86 -0.55 18.98
O2' FAD C . -12.58 -1.59 18.31
C3' FAD C . -12.42 0.83 18.59
O3' FAD C . -11.70 1.81 19.32
C4' FAD C . -13.92 0.99 18.85
O4' FAD C . -14.63 -0.18 18.42
C5' FAD C . -14.49 2.21 18.15
O5' FAD C . -14.43 2.01 16.74
P FAD C . -14.36 3.22 15.71
O1P FAD C . -15.76 3.74 15.48
O2P FAD C . -13.26 4.15 16.17
O3P FAD C . -13.88 2.44 14.39
H51A FAD C . -11.07 2.43 11.90
H52A FAD C . -12.70 3.10 12.11
H4B FAD C . -13.58 1.30 10.57
H3B FAD C . -10.85 0.35 10.85
HO3A FAD C . -11.86 -1.43 9.68
H2B FAD C . -9.95 1.03 8.91
HO2A FAD C . -10.82 -0.89 7.98
H1B FAD C . -12.34 2.08 7.56
H8A FAD C . -9.37 3.20 9.84
H61A FAD C . -7.93 7.26 5.21
H62A FAD C . -7.48 6.64 6.79
H2A FAD C . -11.70 4.94 3.99
HN3 FAD C . -8.93 -5.10 22.40
H6 FAD C . -9.27 -5.62 15.48
HM71 FAD C . -10.69 -4.87 12.83
HM72 FAD C . -9.02 -5.23 13.10
HM73 FAD C . -9.47 -3.74 12.37
HM81 FAD C . -9.61 -1.07 13.05
HM82 FAD C . -11.19 -0.79 13.66
HM83 FAD C . -10.90 -2.14 12.63
H9 FAD C . -10.52 -0.76 15.97
H1'1 FAD C . -10.18 0.00 17.75
H1'2 FAD C . -9.78 -0.27 19.46
H2' FAD C . -11.96 -0.67 20.07
HO2' FAD C . -12.50 -1.48 17.35
H3' FAD C . -12.24 0.97 17.51
HO3' FAD C . -11.87 1.70 20.27
H4' FAD C . -14.06 1.12 19.93
HO4' FAD C . -14.53 -0.29 17.45
H5'1 FAD C . -15.52 2.38 18.45
H5'2 FAD C . -13.91 3.09 18.41
PA FAD D . 11.00 1.92 -16.45
O1A FAD D . 12.49 2.06 -16.23
O2A FAD D . 10.31 0.61 -16.13
O5B FAD D . 10.26 3.08 -15.61
C5B FAD D . 9.80 2.77 -14.31
C4B FAD D . 10.19 3.89 -13.35
O4B FAD D . 9.15 4.88 -13.34
C3B FAD D . 10.40 3.40 -11.93
O3B FAD D . 11.70 3.80 -11.46
C2B FAD D . 9.30 4.04 -11.11
O2B FAD D . 9.80 4.59 -9.89
C1B FAD D . 8.69 5.12 -12.00
N9A FAD D . 7.21 5.00 -11.96
C8A FAD D . 6.51 3.99 -12.51
N7A FAD D . 5.18 4.17 -12.31
C5A FAD D . 5.03 5.31 -11.62
C6A FAD D . 3.87 6.08 -11.09
N6A FAD D . 2.60 5.64 -11.25
N1A FAD D . 4.14 7.23 -10.43
C2A FAD D . 5.40 7.68 -10.25
N3A FAD D . 6.48 7.03 -10.72
C4A FAD D . 6.37 5.86 -11.39
N1 FAD D . 14.32 -4.94 -18.33
C2 FAD D . 15.07 -6.01 -18.69
O2 FAD D . 15.03 -6.41 -19.87
N3 FAD D . 15.86 -6.67 -17.82
C4 FAD D . 15.95 -6.29 -16.54
O4 FAD D . 16.70 -6.92 -15.76
C4X FAD D . 15.17 -5.13 -16.06
N5 FAD D . 15.22 -4.69 -14.78
C5X FAD D . 14.49 -3.63 -14.39
C6 FAD D . 14.58 -3.23 -13.06
C7 FAD D . 13.86 -2.15 -12.60
C7M FAD D . 13.96 -1.73 -11.15
C8 FAD D . 12.97 -1.41 -13.54
C8M FAD D . 12.15 -0.22 -13.09
C9 FAD D . 12.87 -1.81 -14.87
C9A FAD D . 13.61 -2.90 -15.34
N10 FAD D . 13.55 -3.35 -16.69
C10 FAD D . 14.33 -4.46 -17.08
C1' FAD D . 12.73 -2.70 -17.71
C2' FAD D . 13.51 -1.52 -18.31
O2' FAD D . 13.15 -0.33 -17.59
C3' FAD D . 13.22 -1.35 -19.81
O3' FAD D . 13.47 -2.58 -20.52
C4' FAD D . 14.09 -0.25 -20.45
O4' FAD D . 15.37 -0.15 -19.80
C5' FAD D . 13.41 1.12 -20.47
O5' FAD D . 12.62 1.31 -19.27
P FAD D . 11.78 2.69 -19.07
O1P FAD D . 12.66 3.75 -18.43
O2P FAD D . 11.04 3.04 -20.34
O3P FAD D . 10.66 2.27 -17.98
H51A FAD D . 10.23 1.83 -13.96
H52A FAD D . 8.71 2.66 -14.31
H4B FAD D . 11.13 4.34 -13.72
H3B FAD D . 10.31 2.31 -11.90
HO3A FAD D . 11.81 3.54 -10.55
H2B FAD D . 8.53 3.28 -10.89
HO2A FAD D . 10.11 3.89 -9.31
H1B FAD D . 9.01 6.10 -11.65
H8A FAD D . 6.95 3.15 -13.03
H61A FAD D . 1.83 6.17 -10.88
H62A FAD D . 2.43 4.77 -11.75
H2A FAD D . 5.54 8.61 -9.72
HN3 FAD D . 16.41 -7.48 -18.16
H6 FAD D . 15.22 -3.78 -12.39
HM71 FAD D . 14.75 -1.03 -11.05
HM72 FAD D . 14.17 -2.59 -10.56
HM73 FAD D . 13.05 -1.30 -10.83
HM81 FAD D . 11.20 -0.55 -12.76
HM82 FAD D . 12.03 0.45 -13.91
HM83 FAD D . 12.65 0.28 -12.30
H9 FAD D . 12.23 -1.26 -15.55
H1'1 FAD D . 11.79 -2.34 -17.27
H1'2 FAD D . 12.48 -3.42 -18.50
H2' FAD D . 14.58 -1.73 -18.18
HO2' FAD D . 12.22 -0.14 -17.73
H3' FAD D . 12.17 -1.07 -19.93
HO3' FAD D . 14.40 -2.81 -20.45
H4' FAD D . 14.25 -0.54 -21.51
HO4' FAD D . 15.25 0.15 -18.91
H5'1 FAD D . 14.16 1.91 -20.54
H5'2 FAD D . 12.76 1.19 -21.33
#